data_4XPB
#
_entry.id   4XPB
#
_cell.length_a   97.498
_cell.length_b   139.963
_cell.length_c   166.959
_cell.angle_alpha   90.00
_cell.angle_beta   90.00
_cell.angle_gamma   90.00
#
_symmetry.space_group_name_H-M   'P 21 21 21'
#
loop_
_entity.id
_entity.type
_entity.pdbx_description
1 polymer Transporter
2 polymer 'Antibody fragment heavy chain-protein, 9D5-heavy chain'
3 polymer 'Antibody fragment light chain-protein, 9D5-light chain'
4 branched alpha-D-glucopyranose-(1-4)-beta-D-glucopyranose
5 non-polymer 'SODIUM ION'
6 non-polymer COCAINE
7 non-polymer CHOLESTEROL
8 non-polymer 'CHLORIDE ION'
9 water water
#
loop_
_entity_poly.entity_id
_entity_poly.type
_entity_poly.pdbx_seq_one_letter_code
_entity_poly.pdbx_strand_id
1 'polypeptide(L)'
;MNSISDERETWSGKVDFLLSVIGFAVDLANVWRFPYLCYKNGGGAFLVPYGIMLAVGGIPLFYMELALGQHNRKGAITCW
GRLVPLFKGIGYAVVLIAFYVGFYYNVIIAWSLRFFFASFTNSLPWTSCNNIWNTPNCRPFESQGFQSAASEYFNRYILE
LNRSEGIHDLGAIKWDMALCLLIVYLICYFSLWKGISTSGKVVWFTALFPYAVLLILLIRGLTLPGSFLGIQYYLTPNFS
AIYKAEVWVDAATQVFFSLGPGFGVLLAYASYNKYHNNVYKDALLTSFINSATSFIAGFVIFSVLGYMAHTLGVRIEDVA
TEGPGLVFVVYPAAIATMPASTFWALIFFMMLATLGLDSSFGGMEAIITALSDEFPKIKRNRELFVAGLFSLYFVVGLAS
CTQGGFYFFHLLDRYAAGYSILVAVFFEAIAVSWIYGTNRFSEDIRDMIGFPPGRYWQVCWRFVAPIFLLFITVYGLIGY
EPLTYADYVYPSWANALGWCIAGSSVVMIPAVAIFKLLSTPGSLRQRFTILTTPWRDQQLVPR
;
A
2 'polypeptide(L)'
;ENVLTQSPAIMSTSPGEKVTMTCRASSSVGSSYLHWYQQKSGASPKLWIYSTSNLASGVPARFSGSGSGTSYSLTISSVE
AEDAATYYCQQFSGYPLTFGSGTKLEMKRADAAPTVSIFPPSSEQLTSGGASVVCFLNNFYPKDINVKWKIDGSERQNGV
LNSWTDQDSKDSTYSMSSTLTLTKDEYERHNSYTCEATHKTSTSPIVKSFNRNE
;
L
3 'polypeptide(L)'
;MNFGLRLVFLVLILKGVQCEVQLVESGGGLVKPGGSLKLSCAASGFTFSSYAMSWVRQSPEKRLEWVAEISSGGRYIYYS
DTVTGRFTISRDNARNILHLEMSSLRSEDTAMYYCARGEVRQRGFDYWGQGTTLTVSSAKTTAPSVYPLAPVCGDTTGSS
VTLGCLVKGYFPEPVTLTWNSGSLSSGVHTFPAVLQSDLYTLSSSVTVTSSTWPSQSITCNVAHPASSTKVDKKIEPRGP
;
H
#
loop_
_chem_comp.id
_chem_comp.type
_chem_comp.name
_chem_comp.formula
BGC D-saccharide, beta linking beta-D-glucopyranose 'C6 H12 O6'
CL non-polymer 'CHLORIDE ION' 'Cl -1'
CLR non-polymer CHOLESTEROL 'C27 H46 O'
COC non-polymer COCAINE 'C17 H21 N O4'
GLC D-saccharide, alpha linking alpha-D-glucopyranose 'C6 H12 O6'
NA non-polymer 'SODIUM ION' 'Na 1'
#
# COMPACT_ATOMS: atom_id res chain seq x y z
N ASP A 6 41.12 32.21 -2.00
CA ASP A 6 41.64 30.92 -1.58
C ASP A 6 40.76 30.32 -0.49
N GLU A 7 40.60 31.05 0.61
CA GLU A 7 40.05 30.49 1.84
C GLU A 7 38.57 30.13 1.76
N ARG A 8 38.26 28.91 2.21
CA ARG A 8 36.90 28.51 2.50
C ARG A 8 36.93 27.71 3.81
N GLU A 9 35.80 27.67 4.51
CA GLU A 9 35.75 26.99 5.81
C GLU A 9 35.90 25.49 5.64
N THR A 10 36.29 24.82 6.72
CA THR A 10 36.50 23.38 6.72
C THR A 10 35.78 22.74 7.90
N TRP A 11 35.65 21.42 7.88
CA TRP A 11 35.01 20.68 8.96
C TRP A 11 35.73 20.92 10.29
N SER A 12 34.97 20.91 11.37
CA SER A 12 35.53 21.15 12.70
C SER A 12 36.14 19.88 13.26
N GLY A 13 36.04 18.80 12.49
CA GLY A 13 36.61 17.52 12.87
C GLY A 13 36.58 16.54 11.71
N LYS A 14 37.36 15.47 11.81
CA LYS A 14 37.40 14.45 10.78
C LYS A 14 36.15 13.57 10.85
N VAL A 15 35.73 13.27 12.07
CA VAL A 15 34.57 12.40 12.29
C VAL A 15 33.28 13.08 11.83
N ASP A 16 33.27 14.41 11.88
CA ASP A 16 32.07 15.17 11.52
C ASP A 16 31.72 15.04 10.04
N PHE A 17 32.74 15.01 9.18
CA PHE A 17 32.52 14.82 7.75
C PHE A 17 31.95 13.44 7.46
N LEU A 18 32.56 12.43 8.06
CA LEU A 18 32.17 11.04 7.83
C LEU A 18 30.72 10.79 8.23
N LEU A 19 30.37 11.12 9.46
CA LEU A 19 29.02 10.91 9.97
C LEU A 19 28.00 11.72 9.17
N SER A 20 28.44 12.84 8.60
CA SER A 20 27.59 13.66 7.77
C SER A 20 27.26 12.93 6.46
N VAL A 21 28.26 12.23 5.93
CA VAL A 21 28.07 11.45 4.71
C VAL A 21 27.37 10.13 5.03
N ILE A 22 27.75 9.51 6.14
CA ILE A 22 27.10 8.29 6.61
C ILE A 22 25.60 8.51 6.80
N GLY A 23 25.26 9.62 7.45
CA GLY A 23 23.88 9.98 7.68
C GLY A 23 23.10 10.16 6.38
N PHE A 24 23.65 10.97 5.47
CA PHE A 24 23.02 11.23 4.19
C PHE A 24 22.75 9.96 3.40
N ALA A 25 23.73 9.06 3.39
CA ALA A 25 23.63 7.83 2.61
C ALA A 25 22.63 6.85 3.21
N VAL A 26 22.59 6.74 4.52
CA VAL A 26 21.75 5.76 5.19
C VAL A 26 20.38 6.34 5.54
N ASP A 27 19.35 5.84 4.86
CA ASP A 27 18.00 6.38 5.00
C ASP A 27 16.97 5.25 5.04
N LEU A 28 15.70 5.61 4.97
CA LEU A 28 14.61 4.65 5.04
C LEU A 28 14.69 3.57 3.96
N ALA A 29 15.29 3.92 2.83
CA ALA A 29 15.46 2.97 1.73
C ALA A 29 16.36 1.82 2.14
N ASN A 30 17.27 2.08 3.06
CA ASN A 30 18.11 1.03 3.63
C ASN A 30 17.27 0.03 4.42
N VAL A 31 16.42 0.57 5.27
CA VAL A 31 15.51 -0.27 6.02
C VAL A 31 14.44 -0.92 5.21
N TRP A 32 13.83 -0.15 4.31
CA TRP A 32 12.63 -0.65 3.69
C TRP A 32 12.72 -1.15 2.31
N ARG A 33 13.90 -1.22 1.72
CA ARG A 33 14.03 -1.82 0.40
C ARG A 33 14.99 -2.99 0.32
N PHE A 34 16.18 -2.83 0.87
CA PHE A 34 17.19 -3.89 0.82
C PHE A 34 16.74 -5.24 1.42
N PRO A 35 16.16 -5.24 2.63
CA PRO A 35 15.77 -6.55 3.19
C PRO A 35 14.75 -7.28 2.33
N TYR A 36 13.85 -6.54 1.68
CA TYR A 36 12.85 -7.14 0.80
C TYR A 36 13.51 -7.75 -0.43
N LEU A 37 14.55 -7.11 -0.93
CA LEU A 37 15.25 -7.58 -2.12
C LEU A 37 15.92 -8.93 -1.86
N CYS A 38 16.43 -9.13 -0.64
CA CYS A 38 17.04 -10.40 -0.28
C CYS A 38 15.99 -11.50 -0.28
N TYR A 39 14.87 -11.25 0.39
CA TYR A 39 13.77 -12.20 0.47
C TYR A 39 13.25 -12.58 -0.91
N LYS A 40 13.04 -11.58 -1.76
CA LYS A 40 12.48 -11.77 -3.09
C LYS A 40 13.45 -12.48 -4.04
N ASN A 41 14.72 -12.11 -3.98
CA ASN A 41 15.72 -12.54 -4.94
C ASN A 41 16.51 -13.79 -4.55
N GLY A 42 16.10 -14.48 -3.49
CA GLY A 42 16.77 -15.72 -3.12
C GLY A 42 17.68 -15.69 -1.91
N GLY A 43 17.55 -14.67 -1.09
CA GLY A 43 18.25 -14.63 0.18
C GLY A 43 19.71 -14.29 0.11
N GLY A 44 20.53 -15.00 0.89
CA GLY A 44 21.96 -14.74 0.96
C GLY A 44 22.65 -14.79 -0.39
N ALA A 45 22.06 -15.51 -1.33
CA ALA A 45 22.59 -15.59 -2.68
C ALA A 45 22.48 -14.25 -3.41
N PHE A 46 21.55 -13.41 -2.97
CA PHE A 46 21.36 -12.09 -3.56
C PHE A 46 22.54 -11.15 -3.24
N LEU A 47 23.32 -11.53 -2.22
CA LEU A 47 24.49 -10.75 -1.85
C LEU A 47 25.58 -10.82 -2.91
N VAL A 48 25.56 -11.89 -3.70
CA VAL A 48 26.57 -12.07 -4.75
C VAL A 48 26.41 -11.04 -5.88
N PRO A 49 25.21 -10.91 -6.49
CA PRO A 49 25.13 -9.84 -7.48
C PRO A 49 25.18 -8.46 -6.84
N TYR A 50 24.72 -8.35 -5.61
CA TYR A 50 24.76 -7.09 -4.87
C TYR A 50 26.19 -6.64 -4.66
N GLY A 51 27.04 -7.56 -4.22
CA GLY A 51 28.44 -7.27 -3.96
C GLY A 51 29.20 -6.89 -5.22
N ILE A 52 28.96 -7.63 -6.29
CA ILE A 52 29.62 -7.37 -7.56
C ILE A 52 29.22 -6.00 -8.10
N MET A 53 27.91 -5.74 -8.15
CA MET A 53 27.41 -4.45 -8.63
C MET A 53 27.84 -3.31 -7.72
N LEU A 54 28.05 -3.61 -6.43
CA LEU A 54 28.57 -2.63 -5.50
C LEU A 54 30.03 -2.34 -5.80
N ALA A 55 30.78 -3.39 -6.07
CA ALA A 55 32.21 -3.27 -6.32
C ALA A 55 32.50 -2.50 -7.61
N VAL A 56 31.93 -2.97 -8.72
CA VAL A 56 32.19 -2.32 -10.00
C VAL A 56 31.33 -1.08 -10.27
N GLY A 57 30.03 -1.16 -10.02
CA GLY A 57 29.15 -0.04 -10.29
C GLY A 57 29.06 1.11 -9.30
N GLY A 58 28.74 0.79 -8.04
CA GLY A 58 28.38 1.80 -7.07
C GLY A 58 29.49 2.58 -6.40
N ILE A 59 30.47 1.86 -5.86
CA ILE A 59 31.55 2.48 -5.11
C ILE A 59 32.47 3.36 -5.97
N PRO A 60 32.81 2.92 -7.21
CA PRO A 60 33.59 3.84 -8.04
C PRO A 60 32.89 5.18 -8.30
N LEU A 61 31.57 5.14 -8.48
CA LEU A 61 30.81 6.37 -8.68
C LEU A 61 30.76 7.17 -7.38
N PHE A 62 30.65 6.46 -6.26
CA PHE A 62 30.66 7.08 -4.94
C PHE A 62 32.02 7.72 -4.67
N TYR A 63 33.07 7.03 -5.07
CA TYR A 63 34.44 7.51 -4.96
C TYR A 63 34.64 8.76 -5.82
N MET A 64 34.07 8.74 -7.02
CA MET A 64 34.26 9.82 -7.99
C MET A 64 33.79 11.18 -7.49
N GLU A 65 32.56 11.22 -6.97
CA GLU A 65 31.99 12.48 -6.49
C GLU A 65 32.74 13.02 -5.28
N LEU A 66 33.10 12.13 -4.36
CA LEU A 66 33.86 12.52 -3.17
C LEU A 66 35.24 13.05 -3.55
N ALA A 67 35.84 12.44 -4.58
CA ALA A 67 37.14 12.86 -5.06
C ALA A 67 37.05 14.21 -5.76
N LEU A 68 36.06 14.34 -6.63
CA LEU A 68 35.84 15.58 -7.37
C LEU A 68 35.55 16.76 -6.44
N GLY A 69 34.72 16.52 -5.43
CA GLY A 69 34.35 17.55 -4.49
C GLY A 69 35.53 18.09 -3.71
N GLN A 70 36.33 17.19 -3.16
CA GLN A 70 37.48 17.57 -2.35
C GLN A 70 38.55 18.28 -3.17
N HIS A 71 38.71 17.89 -4.42
CA HIS A 71 39.76 18.44 -5.26
C HIS A 71 39.47 19.86 -5.74
N ASN A 72 38.28 20.09 -6.29
CA ASN A 72 37.94 21.40 -6.83
C ASN A 72 37.48 22.38 -5.75
N ARG A 73 37.17 21.84 -4.57
CA ARG A 73 36.92 22.64 -3.37
C ARG A 73 35.76 23.62 -3.50
N LYS A 74 34.80 23.33 -4.36
CA LYS A 74 33.65 24.22 -4.53
C LYS A 74 32.38 23.49 -4.96
N GLY A 75 31.25 24.17 -4.84
CA GLY A 75 29.94 23.56 -4.99
C GLY A 75 29.64 22.95 -6.34
N ALA A 76 28.49 22.28 -6.41
CA ALA A 76 28.11 21.46 -7.57
C ALA A 76 28.18 22.17 -8.91
N ILE A 77 27.59 23.36 -9.00
CA ILE A 77 27.55 24.09 -10.26
C ILE A 77 28.93 24.57 -10.68
N THR A 78 29.66 25.17 -9.74
CA THR A 78 30.99 25.69 -10.02
C THR A 78 32.00 24.58 -10.30
N CYS A 79 31.81 23.43 -9.65
CA CYS A 79 32.72 22.31 -9.80
C CYS A 79 32.75 21.80 -11.24
N TRP A 80 31.58 21.58 -11.81
CA TRP A 80 31.48 21.13 -13.19
C TRP A 80 31.69 22.30 -14.16
N GLY A 81 31.55 23.52 -13.64
CA GLY A 81 31.84 24.70 -14.42
C GLY A 81 33.32 24.84 -14.65
N ARG A 82 34.10 24.55 -13.60
CA ARG A 82 35.56 24.60 -13.68
C ARG A 82 36.14 23.36 -14.35
N LEU A 83 35.45 22.23 -14.22
CA LEU A 83 35.93 20.97 -14.76
C LEU A 83 35.75 20.95 -16.28
N VAL A 84 34.49 20.94 -16.72
CA VAL A 84 34.16 21.02 -18.14
C VAL A 84 33.11 22.11 -18.36
N PRO A 85 33.56 23.35 -18.64
CA PRO A 85 32.71 24.52 -18.83
C PRO A 85 31.56 24.31 -19.82
N LEU A 86 31.75 23.41 -20.79
CA LEU A 86 30.69 23.04 -21.72
C LEU A 86 29.58 22.30 -20.98
N PHE A 87 29.97 21.43 -20.07
CA PHE A 87 29.06 20.55 -19.36
C PHE A 87 28.60 21.12 -18.01
N LYS A 88 28.90 22.38 -17.75
CA LYS A 88 28.49 23.06 -16.52
C LYS A 88 27.01 22.86 -16.22
N GLY A 89 26.22 22.64 -17.27
CA GLY A 89 24.81 22.31 -17.12
C GLY A 89 24.55 21.11 -16.24
N ILE A 90 25.52 20.21 -16.15
CA ILE A 90 25.45 19.09 -15.21
C ILE A 90 25.33 19.64 -13.80
N GLY A 91 26.07 20.71 -13.52
CA GLY A 91 26.03 21.38 -12.24
C GLY A 91 24.66 21.99 -11.93
N TYR A 92 23.96 22.40 -12.99
CA TYR A 92 22.62 22.95 -12.82
C TYR A 92 21.58 21.84 -12.64
N ALA A 93 21.73 20.78 -13.43
CA ALA A 93 20.82 19.65 -13.36
C ALA A 93 20.93 18.94 -12.01
N VAL A 94 22.16 18.78 -11.55
CA VAL A 94 22.43 18.06 -10.31
C VAL A 94 21.82 18.76 -9.09
N VAL A 95 21.74 20.09 -9.15
CA VAL A 95 21.22 20.88 -8.05
C VAL A 95 19.70 20.89 -7.98
N LEU A 96 19.05 21.13 -9.12
CA LEU A 96 17.60 21.27 -9.14
C LEU A 96 16.91 19.92 -9.06
N ILE A 97 17.67 18.85 -9.25
CA ILE A 97 17.17 17.50 -8.95
C ILE A 97 16.95 17.39 -7.45
N ALA A 98 17.95 17.80 -6.69
CA ALA A 98 17.87 17.82 -5.23
C ALA A 98 16.81 18.83 -4.78
N PHE A 99 16.58 19.85 -5.59
CA PHE A 99 15.57 20.86 -5.29
C PHE A 99 14.17 20.28 -5.43
N TYR A 100 14.00 19.34 -6.36
CA TYR A 100 12.72 18.68 -6.58
C TYR A 100 12.40 17.69 -5.47
N VAL A 101 13.41 16.94 -5.04
CA VAL A 101 13.25 15.91 -4.02
C VAL A 101 12.76 16.49 -2.69
N GLY A 102 13.20 17.71 -2.39
CA GLY A 102 12.82 18.37 -1.15
C GLY A 102 11.34 18.64 -0.99
N PHE A 103 10.60 18.61 -2.10
CA PHE A 103 9.16 18.89 -2.07
C PHE A 103 8.36 17.70 -1.56
N TYR A 104 8.96 16.52 -1.57
CA TYR A 104 8.24 15.30 -1.21
C TYR A 104 8.93 14.58 -0.04
N TYR A 105 10.21 14.28 -0.19
CA TYR A 105 10.98 13.46 0.77
C TYR A 105 10.75 13.80 2.24
N ASN A 106 10.63 15.09 2.54
CA ASN A 106 10.42 15.53 3.92
C ASN A 106 9.10 15.10 4.54
N VAL A 107 8.14 14.70 3.71
CA VAL A 107 6.82 14.30 4.21
C VAL A 107 6.89 12.93 4.87
N ILE A 108 7.96 12.19 4.59
CA ILE A 108 8.17 10.89 5.22
C ILE A 108 8.56 11.06 6.67
N ILE A 109 9.41 12.04 6.93
CA ILE A 109 9.83 12.37 8.29
C ILE A 109 8.64 12.92 9.08
N ALA A 110 7.79 13.68 8.39
CA ALA A 110 6.59 14.25 8.99
C ALA A 110 5.66 13.14 9.47
N TRP A 111 5.54 12.09 8.68
CA TRP A 111 4.76 10.92 9.05
C TRP A 111 5.34 10.25 10.29
N SER A 112 6.67 10.18 10.34
CA SER A 112 7.37 9.55 11.45
C SER A 112 7.10 10.27 12.77
N LEU A 113 7.16 11.60 12.74
CA LEU A 113 6.88 12.41 13.92
C LEU A 113 5.40 12.32 14.27
N ARG A 114 4.56 12.28 13.25
CA ARG A 114 3.12 12.18 13.43
C ARG A 114 2.75 10.87 14.11
N PHE A 115 3.49 9.81 13.79
CA PHE A 115 3.31 8.53 14.45
C PHE A 115 3.96 8.54 15.84
N PHE A 116 5.10 9.21 15.95
CA PHE A 116 5.80 9.34 17.22
C PHE A 116 4.93 10.07 18.25
N PHE A 117 4.23 11.11 17.79
CA PHE A 117 3.36 11.89 18.66
C PHE A 117 2.12 11.10 19.06
N ALA A 118 1.63 10.28 18.14
CA ALA A 118 0.44 9.46 18.40
C ALA A 118 0.83 8.21 19.17
N SER A 119 2.12 8.08 19.47
CA SER A 119 2.64 6.91 20.17
C SER A 119 2.72 7.13 21.69
N PHE A 120 2.26 8.29 22.16
CA PHE A 120 2.13 8.48 23.61
C PHE A 120 0.74 8.06 24.05
N THR A 121 0.71 6.88 24.66
CA THR A 121 -0.46 6.18 25.20
C THR A 121 0.07 4.78 25.55
N ASN A 122 -0.61 3.98 26.37
CA ASN A 122 -0.23 2.55 26.44
C ASN A 122 -1.28 1.70 25.71
N SER A 123 -2.31 2.35 25.16
CA SER A 123 -3.15 1.62 24.20
C SER A 123 -3.00 2.25 22.81
N LEU A 124 -2.28 1.54 21.94
CA LEU A 124 -1.94 2.06 20.62
C LEU A 124 -3.17 2.08 19.73
N PRO A 125 -3.37 3.18 18.99
CA PRO A 125 -4.58 3.41 18.19
C PRO A 125 -4.73 2.50 16.97
N TRP A 126 -3.64 1.91 16.49
CA TRP A 126 -3.70 1.12 15.25
C TRP A 126 -3.91 -0.37 15.49
N THR A 127 -4.12 -0.77 16.74
CA THR A 127 -4.29 -2.18 17.08
C THR A 127 -5.68 -2.73 16.76
N SER A 128 -6.70 -1.92 16.98
CA SER A 128 -8.09 -2.41 16.98
C SER A 128 -8.88 -2.01 15.74
N CYS A 129 -9.81 -2.86 15.34
CA CYS A 129 -10.64 -2.63 14.15
C CYS A 129 -11.99 -2.01 14.48
N ASN A 130 -12.25 -1.73 15.76
CA ASN A 130 -13.54 -1.21 16.19
C ASN A 130 -13.61 0.31 16.28
N ASN A 131 -12.56 0.99 15.80
CA ASN A 131 -12.53 2.45 15.86
C ASN A 131 -13.46 3.13 14.84
N ILE A 132 -13.44 4.46 14.86
CA ILE A 132 -14.35 5.27 14.05
C ILE A 132 -13.95 5.32 12.58
N TRP A 133 -12.66 5.10 12.31
CA TRP A 133 -12.14 5.21 10.95
C TRP A 133 -12.12 3.87 10.22
N ASN A 134 -12.59 2.82 10.88
CA ASN A 134 -12.52 1.49 10.29
C ASN A 134 -13.70 1.15 9.41
N THR A 135 -13.61 -0.01 8.77
CA THR A 135 -14.58 -0.48 7.78
C THR A 135 -14.65 -2.01 7.88
N PRO A 136 -15.76 -2.63 7.41
CA PRO A 136 -15.96 -4.09 7.54
C PRO A 136 -14.84 -4.97 6.98
N ASN A 137 -14.04 -4.42 6.07
CA ASN A 137 -12.94 -5.16 5.46
C ASN A 137 -11.75 -5.32 6.41
N CYS A 138 -11.82 -4.70 7.58
CA CYS A 138 -10.72 -4.68 8.53
C CYS A 138 -10.49 -6.01 9.23
N ARG A 139 -9.23 -6.38 9.37
CA ARG A 139 -8.82 -7.56 10.13
C ARG A 139 -7.66 -7.17 11.04
N PRO A 140 -7.49 -7.86 12.18
CA PRO A 140 -6.44 -7.50 13.15
C PRO A 140 -5.03 -7.50 12.55
N PHE A 141 -4.79 -8.36 11.57
CA PHE A 141 -3.48 -8.42 10.93
C PHE A 141 -3.61 -8.62 9.42
N GLU A 142 -2.51 -8.46 8.71
CA GLU A 142 -2.48 -8.54 7.26
C GLU A 142 -3.08 -9.85 6.74
N SER A 143 -3.91 -9.73 5.70
CA SER A 143 -4.56 -10.89 5.10
C SER A 143 -4.88 -10.63 3.63
N GLN A 144 -4.97 -11.71 2.85
CA GLN A 144 -5.29 -11.59 1.43
C GLN A 144 -6.75 -11.23 1.22
N GLY A 145 -6.98 -10.12 0.52
CA GLY A 145 -8.34 -9.68 0.24
C GLY A 145 -8.91 -8.77 1.30
N PHE A 146 -8.23 -8.70 2.44
CA PHE A 146 -8.67 -7.88 3.56
C PHE A 146 -7.70 -6.74 3.86
N GLN A 147 -8.04 -5.95 4.88
CA GLN A 147 -7.20 -4.84 5.29
C GLN A 147 -6.83 -4.97 6.77
N SER A 148 -5.57 -4.72 7.09
CA SER A 148 -5.10 -4.81 8.47
C SER A 148 -5.52 -3.56 9.26
N ALA A 149 -5.62 -3.71 10.57
CA ALA A 149 -5.99 -2.60 11.45
C ALA A 149 -4.95 -1.48 11.36
N ALA A 150 -3.69 -1.87 11.25
CA ALA A 150 -2.60 -0.91 11.14
C ALA A 150 -2.68 -0.15 9.82
N SER A 151 -3.14 -0.84 8.77
CA SER A 151 -3.31 -0.20 7.47
C SER A 151 -4.37 0.90 7.50
N GLU A 152 -5.58 0.55 7.90
CA GLU A 152 -6.69 1.49 7.90
C GLU A 152 -6.44 2.69 8.81
N TYR A 153 -5.55 2.52 9.78
CA TYR A 153 -5.13 3.61 10.64
C TYR A 153 -4.26 4.60 9.87
N PHE A 154 -3.35 4.07 9.05
CA PHE A 154 -2.42 4.90 8.30
C PHE A 154 -3.09 5.64 7.16
N ASN A 155 -4.06 4.99 6.53
CA ASN A 155 -4.76 5.59 5.40
C ASN A 155 -5.97 6.41 5.81
N ARG A 156 -6.97 5.75 6.39
CA ARG A 156 -8.25 6.38 6.66
C ARG A 156 -8.23 7.39 7.81
N TYR A 157 -7.17 7.36 8.62
CA TYR A 157 -7.06 8.29 9.74
C TYR A 157 -5.90 9.28 9.58
N ILE A 158 -4.68 8.76 9.60
CA ILE A 158 -3.48 9.59 9.52
C ILE A 158 -3.43 10.38 8.21
N LEU A 159 -3.47 9.67 7.09
CA LEU A 159 -3.40 10.29 5.78
C LEU A 159 -4.73 10.86 5.32
N GLU A 160 -5.83 10.21 5.71
CA GLU A 160 -7.16 10.50 5.20
C GLU A 160 -7.16 10.44 3.68
N LEU A 161 -6.52 9.40 3.15
CA LEU A 161 -6.35 9.24 1.71
C LEU A 161 -7.65 8.85 1.01
N ASN A 162 -8.55 8.21 1.76
CA ASN A 162 -9.81 7.74 1.21
C ASN A 162 -10.74 8.90 0.80
N ARG A 163 -10.43 10.10 1.29
CA ARG A 163 -11.18 11.29 0.93
C ARG A 163 -10.90 11.70 -0.51
N SER A 164 -9.75 11.29 -1.01
CA SER A 164 -9.28 11.71 -2.33
C SER A 164 -9.50 10.65 -3.39
N GLU A 165 -9.99 11.07 -4.56
CA GLU A 165 -10.23 10.16 -5.68
C GLU A 165 -9.03 10.08 -6.61
N GLY A 166 -8.04 10.95 -6.39
CA GLY A 166 -6.87 10.98 -7.24
C GLY A 166 -6.03 12.22 -7.01
N ILE A 167 -5.18 12.53 -7.98
CA ILE A 167 -4.29 13.68 -7.86
C ILE A 167 -5.00 14.96 -8.28
N HIS A 168 -6.14 14.81 -8.95
CA HIS A 168 -6.95 15.96 -9.34
C HIS A 168 -7.70 16.51 -8.13
N ASP A 169 -7.99 15.63 -7.17
CA ASP A 169 -8.60 16.07 -5.91
C ASP A 169 -7.63 15.85 -4.74
N LEU A 170 -7.08 16.95 -4.25
CA LEU A 170 -6.21 16.91 -3.08
C LEU A 170 -7.04 16.91 -1.79
N GLY A 171 -8.16 17.63 -1.81
CA GLY A 171 -9.04 17.71 -0.67
C GLY A 171 -8.63 18.79 0.31
N ALA A 172 -9.02 18.62 1.56
CA ALA A 172 -8.67 19.57 2.61
C ALA A 172 -7.22 19.44 3.01
N ILE A 173 -6.78 20.28 3.95
CA ILE A 173 -5.41 20.24 4.43
C ILE A 173 -5.35 19.73 5.87
N LYS A 174 -4.54 18.72 6.12
CA LYS A 174 -4.33 18.23 7.48
C LYS A 174 -3.36 19.17 8.17
N TRP A 175 -3.83 19.84 9.22
CA TRP A 175 -3.01 20.82 9.92
C TRP A 175 -2.18 20.17 11.02
N ASP A 176 -2.52 18.93 11.34
CA ASP A 176 -1.70 18.14 12.25
C ASP A 176 -0.48 17.64 11.48
N MET A 177 -0.67 17.44 10.18
CA MET A 177 0.42 17.07 9.29
C MET A 177 1.25 18.29 8.92
N ALA A 178 0.59 19.42 8.74
CA ALA A 178 1.27 20.67 8.43
C ALA A 178 2.14 21.11 9.59
N LEU A 179 1.68 20.86 10.80
CA LEU A 179 2.44 21.15 12.00
C LEU A 179 3.68 20.27 12.07
N CYS A 180 3.49 18.98 11.78
CA CYS A 180 4.60 18.03 11.78
C CYS A 180 5.64 18.38 10.71
N LEU A 181 5.16 18.80 9.55
CA LEU A 181 6.06 19.20 8.47
C LEU A 181 6.84 20.44 8.85
N LEU A 182 6.17 21.37 9.53
CA LEU A 182 6.82 22.60 9.98
C LEU A 182 7.94 22.29 10.96
N ILE A 183 7.65 21.44 11.94
CA ILE A 183 8.63 21.03 12.93
C ILE A 183 9.87 20.44 12.28
N VAL A 184 9.66 19.62 11.25
CA VAL A 184 10.77 19.04 10.49
C VAL A 184 11.64 20.12 9.88
N TYR A 185 11.01 21.08 9.19
CA TYR A 185 11.74 22.17 8.56
C TYR A 185 12.40 23.08 9.59
N LEU A 186 11.76 23.21 10.75
CA LEU A 186 12.34 23.99 11.84
C LEU A 186 13.61 23.33 12.35
N ILE A 187 13.56 22.00 12.48
CA ILE A 187 14.74 21.22 12.85
C ILE A 187 15.80 21.36 11.77
N CYS A 188 15.37 21.28 10.51
CA CYS A 188 16.27 21.42 9.38
C CYS A 188 16.86 22.83 9.30
N TYR A 189 16.03 23.84 9.55
CA TYR A 189 16.49 25.22 9.47
C TYR A 189 17.58 25.50 10.49
N PHE A 190 17.31 25.17 11.75
CA PHE A 190 18.24 25.49 12.84
C PHE A 190 19.51 24.63 12.80
N SER A 191 19.42 23.46 12.19
CA SER A 191 20.59 22.61 12.01
C SER A 191 21.45 23.14 10.86
N LEU A 192 20.78 23.47 9.76
CA LEU A 192 21.46 23.87 8.53
C LEU A 192 21.76 25.36 8.48
N TRP A 193 21.28 26.08 9.49
CA TRP A 193 21.39 27.54 9.55
C TRP A 193 22.82 28.03 9.37
N LYS A 194 23.64 27.80 10.38
CA LYS A 194 25.07 28.05 10.30
C LYS A 194 25.70 26.96 9.45
N GLY A 195 26.94 27.19 9.01
CA GLY A 195 27.63 26.23 8.18
C GLY A 195 27.98 24.97 8.93
N ILE A 196 28.86 24.15 8.35
CA ILE A 196 29.15 22.82 8.88
C ILE A 196 29.65 22.81 10.32
N SER A 197 30.00 23.98 10.84
CA SER A 197 30.38 24.13 12.25
C SER A 197 29.24 23.73 13.19
N THR A 198 28.02 23.78 12.69
CA THR A 198 26.84 23.39 13.46
C THR A 198 26.21 22.12 12.90
N SER A 199 25.74 22.19 11.66
CA SER A 199 25.11 21.06 10.98
C SER A 199 25.97 19.80 11.02
N GLY A 200 27.28 19.99 10.97
CA GLY A 200 28.21 18.87 11.05
C GLY A 200 28.21 18.20 12.41
N LYS A 201 27.85 18.95 13.44
CA LYS A 201 27.76 18.41 14.79
C LYS A 201 26.44 17.67 15.02
N VAL A 202 25.37 18.18 14.42
CA VAL A 202 24.03 17.63 14.60
C VAL A 202 23.93 16.18 14.13
N VAL A 203 24.72 15.83 13.12
CA VAL A 203 24.66 14.49 12.54
C VAL A 203 25.16 13.43 13.52
N TRP A 204 25.86 13.86 14.57
CA TRP A 204 26.32 12.94 15.62
C TRP A 204 25.13 12.27 16.31
N PHE A 205 23.98 12.93 16.26
CA PHE A 205 22.75 12.33 16.75
C PHE A 205 22.06 11.57 15.64
N THR A 206 21.65 12.29 14.59
CA THR A 206 20.88 11.74 13.48
C THR A 206 21.49 10.50 12.82
N ALA A 207 22.81 10.44 12.74
CA ALA A 207 23.48 9.28 12.16
C ALA A 207 23.64 8.13 13.16
N LEU A 208 24.04 8.46 14.38
CA LEU A 208 24.36 7.44 15.38
C LEU A 208 23.14 6.84 16.08
N PHE A 209 22.17 7.70 16.41
CA PHE A 209 20.96 7.28 17.12
C PHE A 209 20.22 6.09 16.49
N PRO A 210 20.12 6.04 15.14
CA PRO A 210 19.49 4.84 14.56
C PRO A 210 20.19 3.55 14.93
N TYR A 211 21.53 3.57 14.99
CA TYR A 211 22.29 2.38 15.35
C TYR A 211 22.03 1.98 16.80
N ALA A 212 21.76 2.96 17.65
CA ALA A 212 21.39 2.69 19.03
C ALA A 212 20.06 1.98 19.10
N VAL A 213 19.09 2.47 18.34
CA VAL A 213 17.76 1.88 18.29
C VAL A 213 17.79 0.52 17.59
N LEU A 214 18.54 0.44 16.49
CA LEU A 214 18.70 -0.82 15.77
C LEU A 214 19.27 -1.91 16.66
N LEU A 215 20.14 -1.52 17.57
CA LEU A 215 20.77 -2.46 18.50
C LEU A 215 19.74 -3.08 19.44
N ILE A 216 18.94 -2.24 20.09
CA ILE A 216 17.96 -2.71 21.04
C ILE A 216 16.73 -3.32 20.34
N LEU A 217 16.52 -2.96 19.09
CA LEU A 217 15.46 -3.59 18.30
C LEU A 217 15.92 -4.91 17.71
N LEU A 218 17.23 -5.10 17.61
CA LEU A 218 17.79 -6.36 17.13
C LEU A 218 17.76 -7.39 18.26
N ILE A 219 18.06 -6.93 19.47
CA ILE A 219 17.99 -7.78 20.65
C ILE A 219 16.55 -8.21 20.90
N ARG A 220 15.64 -7.24 20.87
CA ARG A 220 14.21 -7.51 21.05
C ARG A 220 13.67 -8.40 19.94
N GLY A 221 14.19 -8.21 18.73
CA GLY A 221 13.72 -8.96 17.57
C GLY A 221 14.07 -10.44 17.61
N LEU A 222 15.34 -10.74 17.91
CA LEU A 222 15.82 -12.11 17.89
C LEU A 222 15.31 -12.96 19.06
N THR A 223 14.90 -12.29 20.14
CA THR A 223 14.43 -13.00 21.32
C THR A 223 12.98 -13.45 21.19
N LEU A 224 12.27 -12.91 20.21
CA LEU A 224 10.88 -13.27 19.96
C LEU A 224 10.77 -14.71 19.47
N PRO A 225 9.70 -15.41 19.89
CA PRO A 225 9.46 -16.77 19.37
C PRO A 225 9.23 -16.77 17.87
N GLY A 226 9.95 -17.61 17.14
CA GLY A 226 9.81 -17.67 15.70
C GLY A 226 10.67 -16.65 14.98
N SER A 227 11.55 -15.99 15.72
CA SER A 227 12.45 -14.99 15.14
C SER A 227 13.45 -15.65 14.20
N PHE A 228 13.84 -16.88 14.53
CA PHE A 228 14.77 -17.63 13.71
C PHE A 228 14.14 -17.98 12.37
N LEU A 229 12.82 -18.17 12.38
CA LEU A 229 12.07 -18.48 11.17
C LEU A 229 12.17 -17.35 10.15
N GLY A 230 12.12 -16.12 10.64
CA GLY A 230 12.20 -14.95 9.79
C GLY A 230 13.56 -14.81 9.13
N ILE A 231 14.60 -15.18 9.88
CA ILE A 231 15.97 -15.11 9.37
C ILE A 231 16.16 -16.04 8.18
N GLN A 232 15.45 -17.16 8.17
CA GLN A 232 15.52 -18.07 7.04
C GLN A 232 14.85 -17.45 5.81
N TYR A 233 13.67 -16.84 5.99
CA TYR A 233 13.02 -16.14 4.90
C TYR A 233 13.93 -15.04 4.36
N TYR A 234 14.80 -14.53 5.24
CA TYR A 234 15.73 -13.48 4.89
C TYR A 234 16.91 -14.02 4.07
N LEU A 235 17.77 -14.81 4.71
CA LEU A 235 19.05 -15.18 4.11
C LEU A 235 19.15 -16.56 3.44
N THR A 236 18.08 -17.34 3.39
CA THR A 236 18.18 -18.68 2.81
C THR A 236 18.53 -18.61 1.33
N PRO A 237 19.71 -19.13 0.98
CA PRO A 237 20.28 -19.02 -0.37
C PRO A 237 19.47 -19.75 -1.45
N ASN A 238 19.16 -19.04 -2.53
CA ASN A 238 18.70 -19.66 -3.76
C ASN A 238 19.53 -19.11 -4.90
N PHE A 239 20.34 -19.96 -5.52
CA PHE A 239 21.32 -19.49 -6.50
C PHE A 239 20.77 -19.58 -7.92
N SER A 240 19.51 -19.99 -8.04
CA SER A 240 18.83 -20.02 -9.33
C SER A 240 18.57 -18.59 -9.82
N ALA A 241 18.51 -17.66 -8.88
CA ALA A 241 18.22 -16.27 -9.18
C ALA A 241 19.42 -15.55 -9.76
N ILE A 242 20.61 -16.12 -9.57
CA ILE A 242 21.83 -15.57 -10.14
C ILE A 242 21.74 -15.53 -11.65
N TYR A 243 21.14 -16.57 -12.23
CA TYR A 243 20.95 -16.65 -13.67
C TYR A 243 19.90 -15.66 -14.15
N LYS A 244 18.97 -15.31 -13.27
CA LYS A 244 17.91 -14.37 -13.62
C LYS A 244 18.46 -12.96 -13.79
N ALA A 245 18.16 -12.35 -14.94
CA ALA A 245 18.65 -11.02 -15.27
C ALA A 245 18.04 -9.95 -14.37
N GLU A 246 16.78 -10.17 -13.99
CA GLU A 246 16.06 -9.21 -13.17
C GLU A 246 16.72 -8.98 -11.81
N VAL A 247 17.34 -10.04 -11.28
CA VAL A 247 18.05 -9.94 -10.01
C VAL A 247 19.27 -9.03 -10.14
N TRP A 248 19.98 -9.16 -11.26
CA TRP A 248 21.13 -8.32 -11.52
C TRP A 248 20.72 -6.87 -11.74
N VAL A 249 19.46 -6.65 -12.11
CA VAL A 249 18.94 -5.30 -12.27
C VAL A 249 18.61 -4.69 -10.91
N ASP A 250 17.97 -5.49 -10.06
CA ASP A 250 17.60 -5.04 -8.72
C ASP A 250 18.83 -4.76 -7.87
N ALA A 251 19.85 -5.60 -8.04
CA ALA A 251 21.11 -5.42 -7.31
C ALA A 251 21.83 -4.17 -7.81
N ALA A 252 21.81 -3.95 -9.12
CA ALA A 252 22.45 -2.80 -9.72
C ALA A 252 21.72 -1.50 -9.37
N THR A 253 20.40 -1.55 -9.40
CA THR A 253 19.58 -0.38 -9.11
C THR A 253 19.70 0.02 -7.64
N GLN A 254 19.61 -0.97 -6.75
CA GLN A 254 19.69 -0.71 -5.31
C GLN A 254 21.03 -0.13 -4.92
N VAL A 255 22.10 -0.74 -5.42
CA VAL A 255 23.46 -0.28 -5.14
C VAL A 255 23.64 1.17 -5.59
N PHE A 256 23.16 1.49 -6.79
CA PHE A 256 23.33 2.83 -7.33
C PHE A 256 22.53 3.88 -6.55
N PHE A 257 21.31 3.54 -6.16
CA PHE A 257 20.45 4.50 -5.46
C PHE A 257 20.77 4.61 -3.97
N SER A 258 21.27 3.53 -3.36
CA SER A 258 21.57 3.54 -1.93
C SER A 258 22.67 4.54 -1.58
N LEU A 259 23.76 4.48 -2.33
CA LEU A 259 24.76 5.55 -2.25
C LEU A 259 24.42 6.51 -3.37
N GLY A 260 23.85 7.68 -3.07
CA GLY A 260 23.56 8.65 -4.11
C GLY A 260 24.71 9.48 -4.66
N PRO A 261 25.04 9.32 -5.96
CA PRO A 261 25.69 10.32 -6.79
C PRO A 261 24.64 11.25 -7.40
N GLY A 262 25.03 12.43 -7.84
CA GLY A 262 24.15 13.22 -8.68
C GLY A 262 23.07 14.00 -7.96
N PHE A 263 23.16 14.06 -6.63
CA PHE A 263 22.41 15.06 -5.89
C PHE A 263 23.33 16.24 -5.57
N GLY A 264 24.60 16.10 -5.92
CA GLY A 264 25.60 17.11 -5.64
C GLY A 264 25.99 17.15 -4.18
N VAL A 265 25.42 16.22 -3.40
CA VAL A 265 25.65 16.17 -1.97
C VAL A 265 27.06 15.73 -1.62
N LEU A 266 27.47 14.59 -2.18
CA LEU A 266 28.82 14.09 -1.98
C LEU A 266 29.84 15.10 -2.50
N LEU A 267 29.47 15.75 -3.60
CA LEU A 267 30.30 16.78 -4.21
C LEU A 267 30.45 17.97 -3.26
N ALA A 268 29.35 18.36 -2.62
CA ALA A 268 29.35 19.49 -1.71
C ALA A 268 30.01 19.13 -0.38
N TYR A 269 29.63 17.99 0.19
CA TYR A 269 30.16 17.57 1.49
C TYR A 269 31.66 17.40 1.49
N ALA A 270 32.20 16.81 0.44
CA ALA A 270 33.63 16.55 0.36
C ALA A 270 34.41 17.82 0.03
N SER A 271 33.72 18.84 -0.47
CA SER A 271 34.37 20.08 -0.87
C SER A 271 34.86 20.88 0.33
N TYR A 272 34.40 20.51 1.52
CA TYR A 272 34.83 21.19 2.74
C TYR A 272 35.99 20.45 3.41
N ASN A 273 36.39 19.34 2.82
CA ASN A 273 37.54 18.58 3.32
C ASN A 273 38.85 19.28 3.02
N LYS A 274 39.88 18.94 3.79
CA LYS A 274 41.22 19.40 3.49
C LYS A 274 41.71 18.76 2.20
N TYR A 275 42.53 19.49 1.45
CA TYR A 275 42.97 19.06 0.13
C TYR A 275 43.74 17.75 0.18
N HIS A 276 44.58 17.59 1.20
CA HIS A 276 45.44 16.42 1.31
C HIS A 276 44.83 15.30 2.16
N ASN A 277 43.59 15.50 2.59
CA ASN A 277 42.84 14.46 3.30
C ASN A 277 42.70 13.23 2.42
N ASN A 278 42.61 12.05 3.04
CA ASN A 278 42.48 10.84 2.25
C ASN A 278 41.01 10.57 2.03
N VAL A 279 40.58 10.77 0.79
CA VAL A 279 39.16 10.65 0.43
C VAL A 279 38.87 9.25 -0.10
N TYR A 280 39.94 8.49 -0.34
CA TYR A 280 39.80 7.13 -0.83
C TYR A 280 39.43 6.19 0.30
N LYS A 281 40.05 6.39 1.46
CA LYS A 281 39.71 5.62 2.65
C LYS A 281 38.32 6.00 3.15
N ASP A 282 37.98 7.28 2.99
CA ASP A 282 36.68 7.78 3.39
C ASP A 282 35.55 7.15 2.57
N ALA A 283 35.79 7.01 1.27
CA ALA A 283 34.80 6.42 0.38
C ALA A 283 34.59 4.94 0.69
N LEU A 284 35.67 4.26 1.05
CA LEU A 284 35.61 2.83 1.37
C LEU A 284 34.90 2.60 2.70
N LEU A 285 35.25 3.40 3.71
CA LEU A 285 34.65 3.27 5.03
C LEU A 285 33.17 3.59 4.98
N THR A 286 32.81 4.68 4.29
CA THR A 286 31.42 5.11 4.22
C THR A 286 30.54 4.11 3.48
N SER A 287 31.00 3.66 2.32
CA SER A 287 30.26 2.70 1.50
C SER A 287 29.95 1.42 2.25
N PHE A 288 30.95 0.90 2.96
CA PHE A 288 30.80 -0.34 3.71
C PHE A 288 29.74 -0.21 4.80
N ILE A 289 29.84 0.85 5.60
CA ILE A 289 28.90 1.10 6.68
C ILE A 289 27.47 1.20 6.17
N ASN A 290 27.30 1.86 5.03
CA ASN A 290 26.00 1.97 4.38
C ASN A 290 25.40 0.61 4.05
N SER A 291 26.19 -0.23 3.40
CA SER A 291 25.77 -1.58 3.05
C SER A 291 25.59 -2.44 4.30
N ALA A 292 26.48 -2.27 5.26
CA ALA A 292 26.43 -3.02 6.51
C ALA A 292 25.17 -2.68 7.30
N THR A 293 24.75 -1.42 7.22
CA THR A 293 23.57 -0.95 7.93
C THR A 293 22.31 -1.65 7.43
N SER A 294 22.16 -1.72 6.11
CA SER A 294 21.01 -2.37 5.49
C SER A 294 20.97 -3.85 5.82
N PHE A 295 22.14 -4.49 5.82
CA PHE A 295 22.26 -5.91 6.13
C PHE A 295 21.79 -6.17 7.56
N ILE A 296 22.24 -5.35 8.49
CA ILE A 296 21.83 -5.45 9.90
C ILE A 296 20.34 -5.16 10.05
N ALA A 297 19.87 -4.13 9.36
CA ALA A 297 18.47 -3.71 9.42
C ALA A 297 17.53 -4.82 8.94
N GLY A 298 18.04 -5.68 8.05
CA GLY A 298 17.27 -6.81 7.56
C GLY A 298 16.94 -7.78 8.68
N PHE A 299 17.90 -8.02 9.55
CA PHE A 299 17.71 -8.90 10.70
C PHE A 299 16.65 -8.35 11.64
N VAL A 300 16.60 -7.02 11.78
CA VAL A 300 15.63 -6.38 12.65
C VAL A 300 14.22 -6.56 12.11
N ILE A 301 14.06 -6.37 10.80
CA ILE A 301 12.76 -6.46 10.17
C ILE A 301 12.22 -7.89 10.15
N PHE A 302 13.05 -8.82 9.69
CA PHE A 302 12.58 -10.19 9.45
C PHE A 302 12.44 -11.04 10.72
N SER A 303 13.21 -10.73 11.74
CA SER A 303 13.05 -11.41 13.02
C SER A 303 11.67 -11.11 13.59
N VAL A 304 11.20 -9.89 13.32
CA VAL A 304 9.87 -9.46 13.70
C VAL A 304 8.83 -10.03 12.73
N LEU A 305 9.19 -10.09 11.45
CA LEU A 305 8.32 -10.66 10.43
C LEU A 305 8.11 -12.15 10.66
N GLY A 306 9.16 -12.82 11.14
CA GLY A 306 9.07 -14.24 11.45
C GLY A 306 8.26 -14.45 12.72
N TYR A 307 8.34 -13.51 13.63
CA TYR A 307 7.55 -13.53 14.86
C TYR A 307 6.06 -13.46 14.54
N MET A 308 5.71 -12.69 13.52
CA MET A 308 4.33 -12.57 13.09
C MET A 308 3.84 -13.84 12.41
N ALA A 309 4.70 -14.44 11.59
CA ALA A 309 4.33 -15.64 10.84
C ALA A 309 4.24 -16.87 11.75
N HIS A 310 4.70 -16.73 12.99
CA HIS A 310 4.70 -17.83 13.93
C HIS A 310 3.58 -17.69 14.98
N THR A 311 3.71 -16.69 15.83
CA THR A 311 2.74 -16.50 16.92
C THR A 311 1.45 -15.82 16.47
N LEU A 312 1.56 -14.92 15.48
CA LEU A 312 0.38 -14.18 15.02
C LEU A 312 -0.31 -14.84 13.84
N GLY A 313 0.29 -15.92 13.32
CA GLY A 313 -0.32 -16.70 12.26
C GLY A 313 -0.67 -15.95 10.99
N VAL A 314 0.32 -15.28 10.40
CA VAL A 314 0.10 -14.52 9.17
C VAL A 314 1.10 -14.98 8.09
N ARG A 315 0.63 -15.03 6.84
CA ARG A 315 1.49 -15.42 5.72
C ARG A 315 2.67 -14.47 5.56
N ILE A 316 3.84 -15.03 5.27
CA ILE A 316 5.04 -14.25 5.08
C ILE A 316 4.94 -13.37 3.83
N GLU A 317 4.16 -13.83 2.86
CA GLU A 317 3.98 -13.09 1.61
C GLU A 317 3.26 -11.76 1.86
N ASP A 318 2.35 -11.76 2.82
CA ASP A 318 1.55 -10.58 3.11
C ASP A 318 2.31 -9.54 3.94
N VAL A 319 3.16 -10.01 4.84
CA VAL A 319 3.89 -9.11 5.74
C VAL A 319 5.25 -8.69 5.20
N ALA A 320 5.70 -9.32 4.11
CA ALA A 320 6.97 -8.92 3.50
C ALA A 320 6.71 -7.90 2.41
N THR A 321 7.10 -6.66 2.66
CA THR A 321 6.78 -5.55 1.78
C THR A 321 7.90 -4.53 1.76
N GLU A 322 7.90 -3.67 0.73
CA GLU A 322 8.86 -2.59 0.64
C GLU A 322 8.16 -1.25 0.77
N GLY A 323 8.92 -0.16 0.68
CA GLY A 323 8.36 1.17 0.76
C GLY A 323 7.88 1.53 2.15
N PRO A 324 7.08 2.60 2.24
CA PRO A 324 6.57 3.13 3.51
C PRO A 324 5.59 2.18 4.20
N GLY A 325 5.02 1.25 3.44
CA GLY A 325 4.06 0.31 3.98
C GLY A 325 4.63 -0.60 5.06
N LEU A 326 5.93 -0.86 4.98
CA LEU A 326 6.59 -1.73 5.94
C LEU A 326 6.68 -1.08 7.33
N VAL A 327 7.24 0.12 7.37
CA VAL A 327 7.48 0.79 8.65
C VAL A 327 6.27 1.54 9.21
N PHE A 328 5.31 1.89 8.36
CA PHE A 328 4.13 2.61 8.84
C PHE A 328 2.90 1.72 9.06
N VAL A 329 3.00 0.46 8.65
CA VAL A 329 1.87 -0.47 8.81
C VAL A 329 2.30 -1.82 9.38
N VAL A 330 3.08 -2.55 8.60
CA VAL A 330 3.47 -3.92 8.93
C VAL A 330 4.24 -4.02 10.26
N TYR A 331 5.32 -3.27 10.36
CA TYR A 331 6.16 -3.32 11.55
C TYR A 331 5.48 -2.79 12.83
N PRO A 332 4.77 -1.64 12.76
CA PRO A 332 4.12 -1.19 14.00
C PRO A 332 3.01 -2.13 14.47
N ALA A 333 2.43 -2.88 13.54
CA ALA A 333 1.37 -3.83 13.88
C ALA A 333 1.88 -4.92 14.82
N ALA A 334 3.13 -5.33 14.60
CA ALA A 334 3.74 -6.38 15.40
C ALA A 334 4.19 -5.85 16.77
N ILE A 335 4.71 -4.62 16.77
CA ILE A 335 5.17 -3.97 17.99
C ILE A 335 4.08 -3.94 19.06
N ALA A 336 2.85 -3.65 18.63
CA ALA A 336 1.71 -3.52 19.53
C ALA A 336 1.39 -4.82 20.28
N THR A 337 1.75 -5.95 19.67
CA THR A 337 1.44 -7.26 20.24
C THR A 337 2.38 -7.64 21.39
N MET A 338 3.65 -7.28 21.24
CA MET A 338 4.67 -7.65 22.23
C MET A 338 4.67 -6.69 23.42
N PRO A 339 5.07 -7.19 24.60
CA PRO A 339 5.11 -6.39 25.83
C PRO A 339 5.98 -5.13 25.71
N ALA A 340 5.67 -4.13 26.53
CA ALA A 340 6.35 -2.84 26.50
C ALA A 340 6.27 -2.21 25.11
N SER A 341 5.10 -2.35 24.48
CA SER A 341 4.88 -1.91 23.10
C SER A 341 5.12 -0.42 22.91
N THR A 342 4.72 0.38 23.89
CA THR A 342 4.85 1.83 23.82
C THR A 342 6.30 2.27 23.68
N PHE A 343 7.20 1.52 24.32
CA PHE A 343 8.62 1.83 24.29
C PHE A 343 9.22 1.59 22.90
N TRP A 344 8.89 0.43 22.32
CA TRP A 344 9.43 0.06 21.01
C TRP A 344 8.86 0.95 19.91
N ALA A 345 7.69 1.51 20.16
CA ALA A 345 7.03 2.37 19.19
C ALA A 345 7.70 3.74 19.09
N LEU A 346 8.03 4.31 20.24
CA LEU A 346 8.65 5.63 20.30
C LEU A 346 10.03 5.65 19.67
N ILE A 347 10.84 4.66 20.01
CA ILE A 347 12.22 4.61 19.51
C ILE A 347 12.27 4.26 18.02
N PHE A 348 11.26 3.55 17.54
CA PHE A 348 11.19 3.16 16.13
C PHE A 348 10.85 4.34 15.24
N PHE A 349 9.82 5.09 15.64
CA PHE A 349 9.37 6.23 14.86
C PHE A 349 10.35 7.40 14.97
N MET A 350 11.07 7.45 16.08
CA MET A 350 12.11 8.44 16.25
C MET A 350 13.32 8.08 15.38
N MET A 351 13.57 6.78 15.27
CA MET A 351 14.63 6.28 14.40
C MET A 351 14.33 6.61 12.95
N LEU A 352 13.07 6.41 12.56
CA LEU A 352 12.62 6.72 11.20
C LEU A 352 12.83 8.20 10.90
N ALA A 353 12.58 9.04 11.89
CA ALA A 353 12.76 10.48 11.75
C ALA A 353 14.23 10.83 11.58
N THR A 354 15.07 10.26 12.44
CA THR A 354 16.50 10.51 12.38
C THR A 354 17.13 9.92 11.11
N LEU A 355 16.49 8.89 10.57
CA LEU A 355 16.94 8.30 9.32
C LEU A 355 16.61 9.20 8.13
N GLY A 356 15.59 10.05 8.29
CA GLY A 356 15.23 10.99 7.25
C GLY A 356 15.93 12.33 7.31
N LEU A 357 16.30 12.76 8.51
CA LEU A 357 16.81 14.11 8.73
C LEU A 357 18.20 14.34 8.13
N ASP A 358 19.13 13.47 8.49
CA ASP A 358 20.51 13.59 8.01
C ASP A 358 20.58 13.57 6.49
N SER A 359 19.73 12.78 5.87
CA SER A 359 19.63 12.73 4.42
C SER A 359 19.16 14.05 3.85
N SER A 360 18.15 14.64 4.50
CA SER A 360 17.59 15.91 4.06
C SER A 360 18.63 17.03 4.22
N PHE A 361 19.49 16.89 5.23
CA PHE A 361 20.56 17.85 5.45
C PHE A 361 21.47 17.95 4.23
N GLY A 362 21.88 16.78 3.73
CA GLY A 362 22.76 16.71 2.58
C GLY A 362 22.13 17.28 1.32
N GLY A 363 20.90 16.85 1.04
CA GLY A 363 20.20 17.29 -0.16
C GLY A 363 20.03 18.80 -0.21
N MET A 364 19.73 19.40 0.92
CA MET A 364 19.56 20.85 1.00
C MET A 364 20.91 21.56 0.95
N GLU A 365 21.90 21.00 1.63
CA GLU A 365 23.25 21.56 1.65
C GLU A 365 23.85 21.59 0.25
N ALA A 366 23.50 20.60 -0.55
CA ALA A 366 23.96 20.53 -1.93
C ALA A 366 23.43 21.70 -2.74
N ILE A 367 22.25 22.16 -2.37
CA ILE A 367 21.64 23.32 -3.02
C ILE A 367 22.27 24.62 -2.55
N ILE A 368 22.43 24.74 -1.23
CA ILE A 368 22.99 25.95 -0.63
C ILE A 368 24.42 26.21 -1.07
N THR A 369 25.28 25.22 -0.88
CA THR A 369 26.70 25.34 -1.21
C THR A 369 26.92 25.67 -2.68
N ALA A 370 26.18 25.00 -3.55
CA ALA A 370 26.33 25.20 -4.99
C ALA A 370 25.91 26.60 -5.40
N LEU A 371 24.87 27.13 -4.75
CA LEU A 371 24.39 28.47 -5.05
C LEU A 371 25.17 29.53 -4.30
N SER A 372 25.92 29.11 -3.27
CA SER A 372 26.75 30.04 -2.51
C SER A 372 28.02 30.36 -3.28
N ASP A 373 28.56 29.36 -3.96
CA ASP A 373 29.79 29.52 -4.73
C ASP A 373 29.52 30.19 -6.08
N GLU A 374 28.32 30.02 -6.60
CA GLU A 374 27.94 30.66 -7.86
C GLU A 374 27.60 32.14 -7.67
N PHE A 375 26.78 32.42 -6.67
CA PHE A 375 26.37 33.79 -6.38
C PHE A 375 26.91 34.26 -5.04
N PRO A 376 27.88 35.20 -5.07
CA PRO A 376 28.57 35.70 -3.88
C PRO A 376 27.64 36.33 -2.85
N LYS A 377 26.55 36.94 -3.32
CA LYS A 377 25.62 37.64 -2.45
C LYS A 377 24.83 36.69 -1.56
N ILE A 378 24.78 35.41 -1.95
CA ILE A 378 24.00 34.42 -1.21
C ILE A 378 24.72 33.96 0.05
N LYS A 379 26.05 33.87 -0.02
CA LYS A 379 26.84 33.47 1.15
C LYS A 379 26.64 34.45 2.29
N ARG A 380 26.52 35.73 1.94
CA ARG A 380 26.09 36.74 2.90
C ARG A 380 24.58 36.61 3.10
N ASN A 381 24.14 36.72 4.35
CA ASN A 381 22.75 36.46 4.72
C ASN A 381 22.34 35.07 4.26
N ARG A 382 23.13 34.07 4.64
CA ARG A 382 22.91 32.67 4.28
C ARG A 382 21.53 32.18 4.71
N GLU A 383 21.07 32.66 5.86
CA GLU A 383 19.78 32.26 6.41
C GLU A 383 18.62 32.91 5.69
N LEU A 384 18.81 34.16 5.25
CA LEU A 384 17.80 34.86 4.48
C LEU A 384 17.48 34.05 3.23
N PHE A 385 18.48 33.34 2.73
CA PHE A 385 18.31 32.44 1.60
C PHE A 385 17.53 31.19 1.99
N VAL A 386 17.98 30.50 3.04
CA VAL A 386 17.37 29.23 3.42
C VAL A 386 16.02 29.41 4.10
N ALA A 387 15.78 30.61 4.65
CA ALA A 387 14.47 30.92 5.20
C ALA A 387 13.47 31.04 4.06
N GLY A 388 13.86 31.76 3.02
CA GLY A 388 13.03 31.89 1.83
C GLY A 388 12.91 30.57 1.09
N LEU A 389 13.97 29.76 1.17
CA LEU A 389 13.98 28.45 0.54
C LEU A 389 13.03 27.49 1.27
N PHE A 390 13.17 27.40 2.58
CA PHE A 390 12.35 26.51 3.38
C PHE A 390 10.91 27.00 3.48
N SER A 391 10.71 28.31 3.28
CA SER A 391 9.37 28.87 3.22
C SER A 391 8.67 28.36 1.97
N LEU A 392 9.37 28.45 0.84
CA LEU A 392 8.85 27.95 -0.43
C LEU A 392 8.56 26.46 -0.34
N TYR A 393 9.41 25.74 0.38
CA TYR A 393 9.22 24.31 0.60
C TYR A 393 7.99 24.04 1.47
N PHE A 394 7.85 24.80 2.55
CA PHE A 394 6.74 24.60 3.46
C PHE A 394 5.40 25.01 2.84
N VAL A 395 5.42 26.07 2.04
CA VAL A 395 4.21 26.54 1.37
C VAL A 395 3.69 25.48 0.40
N VAL A 396 4.58 25.02 -0.48
CA VAL A 396 4.22 23.98 -1.45
C VAL A 396 4.05 22.64 -0.73
N GLY A 397 4.77 22.46 0.37
CA GLY A 397 4.71 21.24 1.15
C GLY A 397 3.35 21.00 1.78
N LEU A 398 2.52 22.03 1.82
CA LEU A 398 1.17 21.90 2.33
C LEU A 398 0.34 20.99 1.44
N ALA A 399 0.72 20.92 0.16
CA ALA A 399 0.06 20.02 -0.79
C ALA A 399 0.30 18.56 -0.40
N SER A 400 1.44 18.30 0.23
CA SER A 400 1.75 16.97 0.73
C SER A 400 0.98 16.69 2.02
N CYS A 401 0.53 17.76 2.67
CA CYS A 401 -0.22 17.64 3.92
C CYS A 401 -1.71 17.54 3.67
N THR A 402 -2.10 17.54 2.41
CA THR A 402 -3.52 17.41 2.05
C THR A 402 -3.98 15.97 2.18
N GLN A 403 -5.26 15.75 1.91
CA GLN A 403 -5.83 14.41 2.00
C GLN A 403 -5.38 13.55 0.82
N GLY A 404 -5.04 14.22 -0.28
CA GLY A 404 -4.49 13.54 -1.44
C GLY A 404 -2.98 13.67 -1.48
N GLY A 405 -2.39 13.93 -0.32
CA GLY A 405 -0.97 14.16 -0.20
C GLY A 405 -0.08 13.01 -0.66
N PHE A 406 -0.53 11.78 -0.40
CA PHE A 406 0.24 10.61 -0.79
C PHE A 406 0.30 10.46 -2.30
N TYR A 407 -0.80 10.83 -2.96
CA TYR A 407 -0.86 10.78 -4.42
C TYR A 407 0.15 11.74 -5.04
N PHE A 408 0.41 12.85 -4.33
CA PHE A 408 1.41 13.81 -4.75
C PHE A 408 2.82 13.31 -4.43
N PHE A 409 2.95 12.67 -3.27
CA PHE A 409 4.22 12.11 -2.82
C PHE A 409 4.71 11.02 -3.76
N HIS A 410 3.82 10.10 -4.12
CA HIS A 410 4.16 8.96 -4.97
C HIS A 410 4.54 9.41 -6.38
N LEU A 411 3.99 10.53 -6.81
CA LEU A 411 4.28 11.07 -8.14
C LEU A 411 5.72 11.55 -8.23
N LEU A 412 6.12 12.42 -7.29
CA LEU A 412 7.46 12.98 -7.28
C LEU A 412 8.53 11.93 -6.98
N ASP A 413 8.14 10.89 -6.27
CA ASP A 413 9.06 9.82 -5.90
C ASP A 413 9.60 9.10 -7.13
N ARG A 414 8.72 8.84 -8.08
CA ARG A 414 9.08 8.09 -9.29
C ARG A 414 9.80 8.95 -10.35
N TYR A 415 9.40 10.21 -10.45
CA TYR A 415 9.83 11.04 -11.58
C TYR A 415 11.00 11.96 -11.26
N ALA A 416 10.83 12.86 -10.30
CA ALA A 416 11.88 13.81 -9.92
C ALA A 416 13.25 13.15 -9.68
N ALA A 417 13.25 12.08 -8.89
CA ALA A 417 14.47 11.35 -8.54
C ALA A 417 14.74 10.22 -9.54
N GLY A 418 13.95 10.19 -10.60
CA GLY A 418 13.92 9.09 -11.55
C GLY A 418 15.03 9.21 -12.58
N TYR A 419 14.73 8.82 -13.82
CA TYR A 419 15.73 8.76 -14.90
C TYR A 419 16.55 10.04 -15.02
N SER A 420 16.01 11.13 -14.50
CA SER A 420 16.72 12.41 -14.42
C SER A 420 18.14 12.26 -13.89
N ILE A 421 18.27 11.52 -12.78
CA ILE A 421 19.55 11.35 -12.11
C ILE A 421 20.39 10.27 -12.78
N LEU A 422 19.75 9.38 -13.54
CA LEU A 422 20.47 8.32 -14.23
C LEU A 422 21.30 8.86 -15.38
N VAL A 423 20.69 9.72 -16.19
CA VAL A 423 21.38 10.32 -17.33
C VAL A 423 22.34 11.42 -16.86
N ALA A 424 22.11 11.92 -15.65
CA ALA A 424 22.96 12.96 -15.08
C ALA A 424 24.30 12.38 -14.66
N VAL A 425 24.26 11.27 -13.90
CA VAL A 425 25.47 10.61 -13.44
C VAL A 425 26.20 9.98 -14.63
N PHE A 426 25.43 9.55 -15.62
CA PHE A 426 26.01 8.98 -16.84
C PHE A 426 26.92 10.01 -17.52
N PHE A 427 26.44 11.24 -17.59
CA PHE A 427 27.23 12.31 -18.19
C PHE A 427 28.36 12.76 -17.27
N GLU A 428 28.19 12.53 -15.96
CA GLU A 428 29.23 12.83 -15.01
C GLU A 428 30.47 11.98 -15.27
N ALA A 429 30.25 10.67 -15.40
CA ALA A 429 31.33 9.72 -15.64
C ALA A 429 32.00 9.94 -17.00
N ILE A 430 31.18 10.19 -18.02
CA ILE A 430 31.69 10.40 -19.37
C ILE A 430 32.51 11.69 -19.46
N ALA A 431 32.02 12.75 -18.83
CA ALA A 431 32.72 14.04 -18.83
C ALA A 431 34.09 13.93 -18.18
N VAL A 432 34.16 13.22 -17.07
CA VAL A 432 35.41 13.06 -16.33
C VAL A 432 36.38 12.10 -17.03
N SER A 433 35.88 10.93 -17.41
CA SER A 433 36.73 9.85 -17.89
C SER A 433 37.10 9.95 -19.37
N TRP A 434 36.38 10.78 -20.12
CA TRP A 434 36.66 10.96 -21.54
C TRP A 434 37.05 12.39 -21.86
N ILE A 435 36.10 13.32 -21.67
CA ILE A 435 36.32 14.73 -21.97
C ILE A 435 37.42 15.33 -21.11
N TYR A 436 37.29 15.19 -19.79
CA TYR A 436 38.29 15.68 -18.86
C TYR A 436 39.50 14.74 -18.83
N GLY A 437 39.22 13.44 -18.95
CA GLY A 437 40.27 12.43 -19.00
C GLY A 437 40.55 11.81 -17.65
N THR A 438 40.91 10.53 -17.67
CA THR A 438 41.24 9.80 -16.44
C THR A 438 42.68 10.12 -16.01
N ASN A 439 43.52 10.45 -16.99
CA ASN A 439 44.90 10.81 -16.72
C ASN A 439 44.99 12.02 -15.81
N ARG A 440 44.14 13.01 -16.08
CA ARG A 440 44.06 14.21 -15.25
C ARG A 440 43.47 13.88 -13.88
N PHE A 441 42.45 13.04 -13.88
CA PHE A 441 41.76 12.66 -12.64
C PHE A 441 42.68 11.88 -11.71
N SER A 442 43.44 10.94 -12.26
CA SER A 442 44.40 10.17 -11.49
C SER A 442 45.51 11.06 -10.95
N GLU A 443 45.96 11.99 -11.79
CA GLU A 443 47.01 12.93 -11.41
C GLU A 443 46.57 13.83 -10.26
N ASP A 444 45.30 14.22 -10.28
CA ASP A 444 44.74 15.06 -9.24
C ASP A 444 44.66 14.31 -7.92
N ILE A 445 44.17 13.07 -7.98
CA ILE A 445 44.00 12.24 -6.80
C ILE A 445 45.36 11.91 -6.17
N ARG A 446 46.36 11.70 -7.01
CA ARG A 446 47.71 11.44 -6.53
C ARG A 446 48.26 12.63 -5.75
N ASP A 447 47.91 13.84 -6.21
CA ASP A 447 48.41 15.06 -5.58
C ASP A 447 47.74 15.29 -4.23
N MET A 448 46.58 14.66 -4.04
CA MET A 448 45.83 14.80 -2.79
C MET A 448 46.24 13.74 -1.76
N ILE A 449 45.95 12.48 -2.07
CA ILE A 449 46.15 11.40 -1.10
C ILE A 449 47.54 10.79 -1.17
N GLY A 450 48.34 11.22 -2.16
CA GLY A 450 49.72 10.78 -2.25
C GLY A 450 49.97 9.70 -3.28
N PHE A 451 48.92 8.98 -3.66
CA PHE A 451 49.05 7.89 -4.64
C PHE A 451 47.88 7.88 -5.62
N PRO A 452 48.15 7.48 -6.86
CA PRO A 452 47.11 7.45 -7.91
C PRO A 452 46.17 6.26 -7.73
N PRO A 453 44.95 6.36 -8.28
CA PRO A 453 44.01 5.23 -8.26
C PRO A 453 44.58 4.01 -8.99
N GLY A 454 44.22 2.82 -8.53
CA GLY A 454 44.68 1.60 -9.17
C GLY A 454 44.11 1.46 -10.57
N ARG A 455 44.59 0.47 -11.30
CA ARG A 455 44.10 0.20 -12.65
C ARG A 455 42.63 -0.22 -12.61
N TYR A 456 42.22 -0.80 -11.49
CA TYR A 456 40.85 -1.26 -11.30
C TYR A 456 39.85 -0.11 -11.33
N TRP A 457 40.19 0.98 -10.65
CA TRP A 457 39.29 2.12 -10.53
C TRP A 457 39.15 2.89 -11.84
N GLN A 458 40.24 2.96 -12.61
CA GLN A 458 40.24 3.70 -13.86
C GLN A 458 39.40 3.02 -14.93
N VAL A 459 39.40 1.68 -14.91
CA VAL A 459 38.61 0.90 -15.86
C VAL A 459 37.12 1.04 -15.54
N CYS A 460 36.79 1.00 -14.26
CA CYS A 460 35.40 1.10 -13.83
C CYS A 460 34.77 2.44 -14.23
N TRP A 461 35.51 3.52 -14.04
CA TRP A 461 35.02 4.86 -14.32
C TRP A 461 34.69 5.08 -15.80
N ARG A 462 35.64 4.74 -16.67
CA ARG A 462 35.49 5.02 -18.09
C ARG A 462 34.63 3.97 -18.82
N PHE A 463 34.68 2.72 -18.36
CA PHE A 463 34.05 1.63 -19.08
C PHE A 463 32.87 0.99 -18.34
N VAL A 464 33.15 0.40 -17.19
CA VAL A 464 32.13 -0.33 -16.43
C VAL A 464 30.96 0.54 -16.01
N ALA A 465 31.25 1.74 -15.49
CA ALA A 465 30.21 2.62 -14.97
C ALA A 465 29.19 3.09 -16.03
N PRO A 466 29.66 3.54 -17.21
CA PRO A 466 28.64 3.92 -18.20
C PRO A 466 27.76 2.75 -18.62
N ILE A 467 28.34 1.57 -18.75
CA ILE A 467 27.57 0.36 -19.06
C ILE A 467 26.64 0.03 -17.91
N PHE A 468 27.18 0.10 -16.69
CA PHE A 468 26.42 -0.16 -15.47
C PHE A 468 25.15 0.68 -15.39
N LEU A 469 25.29 1.98 -15.67
CA LEU A 469 24.16 2.89 -15.65
C LEU A 469 23.23 2.66 -16.83
N LEU A 470 23.82 2.38 -17.98
CA LEU A 470 23.04 2.14 -19.19
C LEU A 470 22.24 0.84 -19.06
N PHE A 471 22.85 -0.15 -18.42
CA PHE A 471 22.20 -1.43 -18.16
C PHE A 471 20.95 -1.24 -17.31
N ILE A 472 21.00 -0.29 -16.38
CA ILE A 472 19.87 0.02 -15.52
C ILE A 472 18.83 0.85 -16.27
N THR A 473 19.30 1.87 -16.99
CA THR A 473 18.43 2.80 -17.71
C THR A 473 17.63 2.09 -18.80
N VAL A 474 18.27 1.17 -19.50
CA VAL A 474 17.61 0.42 -20.57
C VAL A 474 16.52 -0.50 -20.03
N TYR A 475 16.86 -1.32 -19.05
CA TYR A 475 15.89 -2.25 -18.48
C TYR A 475 14.83 -1.53 -17.65
N GLY A 476 15.08 -0.26 -17.36
CA GLY A 476 14.08 0.57 -16.71
C GLY A 476 13.01 1.00 -17.70
N LEU A 477 13.45 1.27 -18.93
CA LEU A 477 12.54 1.69 -20.00
C LEU A 477 11.79 0.51 -20.62
N ILE A 478 12.46 -0.63 -20.72
CA ILE A 478 11.82 -1.87 -21.15
C ILE A 478 10.64 -2.18 -20.25
N GLY A 479 10.89 -2.00 -18.96
CA GLY A 479 9.95 -2.27 -17.89
C GLY A 479 9.09 -1.08 -17.50
N TYR A 480 8.84 -0.17 -18.42
CA TYR A 480 8.02 1.01 -18.10
C TYR A 480 6.51 0.75 -18.16
N GLU A 481 5.81 1.16 -17.11
CA GLU A 481 4.34 1.21 -17.11
C GLU A 481 3.87 2.58 -16.63
N PRO A 482 2.68 3.02 -17.08
CA PRO A 482 2.09 4.26 -16.58
C PRO A 482 1.95 4.25 -15.05
N LEU A 483 2.28 5.36 -14.41
CA LEU A 483 2.29 5.44 -12.96
C LEU A 483 0.94 5.11 -12.35
N THR A 484 0.93 4.14 -11.43
CA THR A 484 -0.28 3.72 -10.75
C THR A 484 -0.01 3.47 -9.27
N TYR A 485 -1.04 3.59 -8.45
CA TYR A 485 -0.98 3.17 -7.06
C TYR A 485 -2.28 2.48 -6.68
N ALA A 486 -2.17 1.30 -6.07
CA ALA A 486 -3.32 0.45 -5.80
C ALA A 486 -4.12 0.22 -7.07
N ASP A 487 -5.41 0.53 -7.03
CA ASP A 487 -6.25 0.43 -8.22
C ASP A 487 -6.39 1.77 -8.93
N TYR A 488 -5.75 2.80 -8.38
CA TYR A 488 -5.81 4.12 -8.99
C TYR A 488 -4.73 4.31 -10.04
N VAL A 489 -5.17 4.56 -11.27
CA VAL A 489 -4.25 4.85 -12.36
C VAL A 489 -4.17 6.35 -12.59
N TYR A 490 -2.95 6.89 -12.53
CA TYR A 490 -2.73 8.32 -12.76
C TYR A 490 -3.16 8.72 -14.16
N PRO A 491 -3.82 9.89 -14.28
CA PRO A 491 -4.21 10.41 -15.59
C PRO A 491 -2.99 10.70 -16.45
N SER A 492 -3.17 10.72 -17.77
CA SER A 492 -2.04 10.87 -18.69
C SER A 492 -1.39 12.25 -18.59
N TRP A 493 -2.11 13.22 -18.04
CA TRP A 493 -1.55 14.55 -17.86
C TRP A 493 -0.68 14.60 -16.62
N ALA A 494 -0.87 13.65 -15.72
CA ALA A 494 -0.05 13.55 -14.51
C ALA A 494 1.31 12.95 -14.86
N ASN A 495 1.30 11.93 -15.71
CA ASN A 495 2.53 11.32 -16.19
C ASN A 495 3.33 12.32 -17.03
N ALA A 496 2.62 13.11 -17.82
CA ALA A 496 3.25 14.11 -18.66
C ALA A 496 3.93 15.20 -17.82
N LEU A 497 3.22 15.66 -16.80
CA LEU A 497 3.75 16.68 -15.90
C LEU A 497 5.03 16.22 -15.22
N GLY A 498 5.05 14.96 -14.81
CA GLY A 498 6.21 14.37 -14.16
C GLY A 498 7.41 14.30 -15.06
N TRP A 499 7.18 13.93 -16.33
CA TRP A 499 8.27 13.83 -17.30
C TRP A 499 8.90 15.18 -17.56
N CYS A 500 8.13 16.24 -17.39
CA CYS A 500 8.66 17.59 -17.49
C CYS A 500 9.53 17.90 -16.28
N ILE A 501 9.09 17.46 -15.11
CA ILE A 501 9.88 17.56 -13.90
C ILE A 501 11.16 16.73 -14.05
N ALA A 502 11.01 15.56 -14.65
CA ALA A 502 12.15 14.69 -14.92
C ALA A 502 13.01 15.26 -16.04
N GLY A 503 12.39 16.02 -16.94
CA GLY A 503 13.09 16.57 -18.09
C GLY A 503 13.68 17.95 -17.85
N SER A 504 13.14 18.68 -16.89
CA SER A 504 13.61 20.04 -16.60
C SER A 504 15.03 20.03 -16.04
N SER A 505 15.46 18.85 -15.57
CA SER A 505 16.83 18.66 -15.12
C SER A 505 17.73 18.29 -16.29
N VAL A 506 17.40 17.16 -16.93
CA VAL A 506 18.13 16.67 -18.10
C VAL A 506 18.33 17.74 -19.17
N VAL A 507 17.31 18.57 -19.38
CA VAL A 507 17.35 19.59 -20.42
C VAL A 507 18.44 20.63 -20.16
N MET A 508 18.92 20.70 -18.92
CA MET A 508 19.98 21.64 -18.58
C MET A 508 21.30 21.27 -19.26
N ILE A 509 21.49 19.98 -19.54
CA ILE A 509 22.73 19.53 -20.17
C ILE A 509 22.90 20.09 -21.58
N PRO A 510 21.92 19.86 -22.49
CA PRO A 510 22.15 20.48 -23.80
C PRO A 510 22.01 22.01 -23.79
N ALA A 511 21.06 22.52 -23.01
CA ALA A 511 20.76 23.96 -22.99
C ALA A 511 21.98 24.79 -22.63
N VAL A 512 22.48 24.62 -21.42
CA VAL A 512 23.66 25.35 -20.93
C VAL A 512 24.85 25.14 -21.86
N ALA A 513 24.95 23.95 -22.46
CA ALA A 513 25.99 23.67 -23.43
C ALA A 513 25.79 24.50 -24.70
N ILE A 514 24.57 24.50 -25.22
CA ILE A 514 24.23 25.27 -26.41
C ILE A 514 24.40 26.77 -26.18
N PHE A 515 23.90 27.24 -25.03
CA PHE A 515 23.98 28.66 -24.69
C PHE A 515 25.42 29.13 -24.51
N LYS A 516 26.29 28.23 -24.07
CA LYS A 516 27.70 28.56 -23.87
C LYS A 516 28.42 28.74 -25.21
N LEU A 517 28.08 27.89 -26.18
CA LEU A 517 28.70 27.93 -27.50
C LEU A 517 28.41 29.25 -28.21
N LEU A 518 27.25 29.83 -27.92
CA LEU A 518 26.84 31.08 -28.55
C LEU A 518 27.62 32.27 -28.00
N SER A 519 28.13 32.13 -26.78
CA SER A 519 28.85 33.22 -26.13
C SER A 519 30.36 33.17 -26.39
N THR A 520 30.83 32.07 -26.99
CA THR A 520 32.24 31.92 -27.31
C THR A 520 32.59 32.43 -28.71
N PRO A 521 33.81 32.97 -28.88
CA PRO A 521 34.39 33.33 -30.17
C PRO A 521 35.01 32.15 -30.94
N GLY A 522 35.05 32.25 -32.28
CA GLY A 522 35.69 31.26 -33.13
C GLY A 522 34.79 30.36 -33.97
N SER A 523 35.39 29.55 -34.83
CA SER A 523 34.70 28.44 -35.51
C SER A 523 34.56 27.28 -34.53
N LEU A 524 33.66 26.35 -34.83
CA LEU A 524 33.29 25.26 -33.92
C LEU A 524 34.47 24.54 -33.27
N ARG A 525 35.60 24.48 -33.97
CA ARG A 525 36.77 23.74 -33.52
C ARG A 525 37.58 24.42 -32.42
N GLN A 526 37.63 25.75 -32.39
CA GLN A 526 38.36 26.41 -31.32
C GLN A 526 37.51 26.54 -30.05
N ARG A 527 36.24 26.90 -30.20
CA ARG A 527 35.40 27.19 -29.05
C ARG A 527 35.09 25.93 -28.23
N PHE A 528 35.10 24.77 -28.87
CA PHE A 528 34.80 23.53 -28.14
C PHE A 528 36.03 23.04 -27.36
N THR A 529 37.23 23.38 -27.83
CA THR A 529 38.43 23.13 -27.04
C THR A 529 38.60 24.21 -25.98
N ILE A 530 37.96 25.36 -26.22
CA ILE A 530 37.90 26.42 -25.22
C ILE A 530 37.04 25.96 -24.05
N LEU A 531 35.96 25.26 -24.38
CA LEU A 531 35.00 24.81 -23.37
C LEU A 531 35.39 23.49 -22.70
N THR A 532 36.35 22.76 -23.28
CA THR A 532 36.84 21.54 -22.65
C THR A 532 38.13 21.79 -21.86
N THR A 533 38.61 23.02 -21.92
CA THR A 533 39.77 23.42 -21.12
C THR A 533 39.33 23.68 -19.68
N PRO A 534 39.96 23.01 -18.70
CA PRO A 534 39.65 23.19 -17.28
C PRO A 534 39.98 24.59 -16.80
N TRP A 535 39.73 24.86 -15.52
CA TRP A 535 39.97 26.17 -14.95
C TRP A 535 41.43 26.32 -14.50
N ARG A 536 42.18 25.23 -14.58
CA ARG A 536 43.55 25.22 -14.11
C ARG A 536 44.56 25.57 -15.20
N ASP A 537 44.07 25.91 -16.38
CA ASP A 537 44.92 26.39 -17.47
C ASP A 537 44.88 27.91 -17.56
N GLU B 1 1.68 -23.34 -8.19
CA GLU B 1 0.43 -23.04 -8.87
C GLU B 1 0.55 -21.80 -9.76
N ASN B 2 -0.32 -21.70 -10.74
CA ASN B 2 -0.33 -20.54 -11.63
C ASN B 2 -1.31 -19.49 -11.12
N VAL B 3 -0.78 -18.36 -10.67
CA VAL B 3 -1.61 -17.32 -10.07
C VAL B 3 -2.14 -16.34 -11.11
N LEU B 4 -3.45 -16.14 -11.10
CA LEU B 4 -4.11 -15.20 -12.00
C LEU B 4 -4.38 -13.89 -11.28
N THR B 5 -4.00 -12.77 -11.90
CA THR B 5 -4.22 -11.46 -11.31
C THR B 5 -5.10 -10.59 -12.19
N GLN B 6 -6.20 -10.12 -11.62
CA GLN B 6 -7.17 -9.37 -12.35
C GLN B 6 -7.07 -7.92 -11.97
N SER B 7 -7.21 -7.04 -12.96
CA SER B 7 -7.30 -5.61 -12.73
C SER B 7 -8.47 -5.03 -13.53
N PRO B 8 -9.31 -4.04 -12.97
CA PRO B 8 -9.01 -3.64 -11.58
C PRO B 8 -9.99 -4.30 -10.61
N ALA B 9 -9.62 -4.33 -9.32
CA ALA B 9 -10.44 -5.01 -8.33
C ALA B 9 -11.84 -4.38 -8.21
N ILE B 10 -11.91 -3.06 -8.27
CA ILE B 10 -13.20 -2.38 -8.29
C ILE B 10 -13.24 -1.36 -9.43
N MET B 11 -14.34 -1.35 -10.17
CA MET B 11 -14.47 -0.47 -11.33
C MET B 11 -15.84 0.21 -11.38
N SER B 12 -15.84 1.54 -11.51
CA SER B 12 -17.07 2.30 -11.63
C SER B 12 -17.35 2.67 -13.08
N THR B 13 -18.61 2.52 -13.50
CA THR B 13 -18.97 2.75 -14.90
C THR B 13 -20.38 3.32 -15.09
N SER B 14 -20.51 4.25 -16.03
CA SER B 14 -21.82 4.73 -16.46
C SER B 14 -22.34 3.88 -17.62
N PRO B 15 -23.65 3.59 -17.62
CA PRO B 15 -24.27 2.77 -18.66
C PRO B 15 -24.02 3.29 -20.08
N GLY B 16 -23.60 2.42 -20.98
CA GLY B 16 -23.37 2.77 -22.37
C GLY B 16 -21.91 2.95 -22.74
N GLU B 17 -21.07 3.19 -21.75
CA GLU B 17 -19.63 3.35 -21.97
C GLU B 17 -18.92 1.99 -22.04
N LYS B 18 -17.80 1.97 -22.76
CA LYS B 18 -17.02 0.74 -22.94
C LYS B 18 -16.27 0.41 -21.65
N VAL B 19 -16.15 -0.87 -21.31
CA VAL B 19 -15.28 -1.27 -20.20
C VAL B 19 -14.38 -2.44 -20.59
N THR B 20 -13.18 -2.45 -20.03
CA THR B 20 -12.27 -3.57 -20.24
C THR B 20 -11.57 -3.96 -18.94
N MET B 21 -11.71 -5.23 -18.56
CA MET B 21 -10.99 -5.74 -17.41
C MET B 21 -9.94 -6.74 -17.87
N THR B 22 -8.76 -6.65 -17.28
CA THR B 22 -7.63 -7.47 -17.73
C THR B 22 -7.34 -8.63 -16.77
N CYS B 23 -6.96 -9.76 -17.35
CA CYS B 23 -6.56 -10.93 -16.58
C CYS B 23 -5.16 -11.39 -16.99
N ARG B 24 -4.21 -11.30 -16.06
CA ARG B 24 -2.83 -11.63 -16.36
C ARG B 24 -2.36 -12.82 -15.53
N ALA B 25 -1.57 -13.70 -16.15
CA ALA B 25 -1.11 -14.92 -15.47
C ALA B 25 0.41 -14.92 -15.26
N SER B 26 0.84 -15.65 -14.24
CA SER B 26 2.27 -15.80 -13.97
C SER B 26 2.90 -16.75 -14.97
N SER B 27 2.15 -17.76 -15.37
CA SER B 27 2.60 -18.71 -16.38
C SER B 27 1.72 -18.63 -17.62
N SER B 28 2.28 -18.98 -18.78
CA SER B 28 1.53 -18.94 -20.02
C SER B 28 0.39 -19.95 -20.01
N VAL B 29 -0.78 -19.52 -20.43
CA VAL B 29 -1.95 -20.38 -20.45
C VAL B 29 -2.45 -20.58 -21.88
N GLY B 30 -2.77 -21.82 -22.23
CA GLY B 30 -3.35 -22.13 -23.52
C GLY B 30 -4.62 -21.33 -23.73
N SER B 31 -4.72 -20.67 -24.87
CA SER B 31 -5.84 -19.76 -25.15
C SER B 31 -7.19 -20.49 -25.14
N SER B 32 -7.16 -21.80 -25.29
CA SER B 32 -8.38 -22.60 -25.26
C SER B 32 -8.87 -22.87 -23.84
N TYR B 33 -7.94 -22.79 -22.89
CA TYR B 33 -8.24 -23.20 -21.50
C TYR B 33 -8.64 -22.06 -20.57
N LEU B 34 -8.74 -20.84 -21.07
CA LEU B 34 -9.14 -19.73 -20.20
C LEU B 34 -10.64 -19.43 -20.30
N HIS B 35 -11.24 -19.19 -19.15
CA HIS B 35 -12.69 -18.97 -19.09
C HIS B 35 -13.03 -17.80 -18.17
N TRP B 36 -14.23 -17.26 -18.36
CA TRP B 36 -14.71 -16.14 -17.55
C TRP B 36 -16.04 -16.48 -16.87
N TYR B 37 -16.27 -15.90 -15.70
CA TYR B 37 -17.50 -16.13 -14.95
C TYR B 37 -18.09 -14.83 -14.44
N GLN B 38 -19.41 -14.80 -14.34
CA GLN B 38 -20.11 -13.67 -13.75
C GLN B 38 -20.84 -14.11 -12.49
N GLN B 39 -20.58 -13.42 -11.37
CA GLN B 39 -21.26 -13.71 -10.12
C GLN B 39 -22.05 -12.51 -9.63
N LYS B 40 -23.37 -12.63 -9.65
CA LYS B 40 -24.24 -11.59 -9.13
C LYS B 40 -24.22 -11.62 -7.61
N SER B 41 -24.54 -10.50 -6.98
CA SER B 41 -24.52 -10.40 -5.52
C SER B 41 -25.48 -11.38 -4.87
N GLY B 42 -24.95 -12.19 -3.95
CA GLY B 42 -25.76 -13.18 -3.25
C GLY B 42 -26.21 -14.33 -4.12
N ALA B 43 -25.56 -14.49 -5.28
CA ALA B 43 -25.92 -15.55 -6.20
C ALA B 43 -24.72 -16.39 -6.61
N SER B 44 -24.98 -17.57 -7.13
CA SER B 44 -23.92 -18.47 -7.59
C SER B 44 -23.29 -17.94 -8.88
N PRO B 45 -21.98 -18.21 -9.06
CA PRO B 45 -21.29 -17.84 -10.30
C PRO B 45 -21.91 -18.52 -11.51
N LYS B 46 -21.78 -17.92 -12.68
CA LYS B 46 -22.25 -18.52 -13.92
C LYS B 46 -21.24 -18.38 -15.04
N LEU B 47 -21.12 -19.43 -15.85
CA LEU B 47 -20.21 -19.43 -16.99
C LEU B 47 -20.58 -18.32 -17.96
N TRP B 48 -19.60 -17.51 -18.32
CA TRP B 48 -19.86 -16.34 -19.14
C TRP B 48 -19.14 -16.42 -20.48
N ILE B 49 -17.81 -16.44 -20.44
CA ILE B 49 -17.00 -16.59 -21.65
C ILE B 49 -16.03 -17.75 -21.49
N TYR B 50 -16.05 -18.68 -22.45
CA TYR B 50 -15.15 -19.82 -22.41
C TYR B 50 -14.19 -19.83 -23.59
N SER B 51 -12.99 -20.34 -23.37
CA SER B 51 -11.93 -20.42 -24.39
C SER B 51 -11.56 -19.04 -24.95
N THR B 52 -11.59 -18.03 -24.08
CA THR B 52 -11.09 -16.68 -24.38
C THR B 52 -11.96 -15.93 -25.41
N SER B 53 -12.82 -16.65 -26.11
CA SER B 53 -13.55 -16.04 -27.22
C SER B 53 -15.06 -16.25 -27.13
N ASN B 54 -15.47 -17.51 -27.21
CA ASN B 54 -16.88 -17.86 -27.31
C ASN B 54 -17.71 -17.50 -26.08
N LEU B 55 -18.84 -16.85 -26.31
CA LEU B 55 -19.77 -16.52 -25.23
C LEU B 55 -20.58 -17.74 -24.82
N ALA B 56 -20.97 -17.80 -23.55
CA ALA B 56 -21.79 -18.91 -23.07
C ALA B 56 -23.25 -18.71 -23.45
N SER B 57 -24.09 -19.66 -23.05
CA SER B 57 -25.51 -19.62 -23.39
C SER B 57 -26.23 -18.53 -22.59
N GLY B 58 -26.97 -17.68 -23.29
CA GLY B 58 -27.75 -16.64 -22.65
C GLY B 58 -27.01 -15.32 -22.52
N VAL B 59 -25.72 -15.33 -22.85
CA VAL B 59 -24.89 -14.13 -22.76
C VAL B 59 -25.11 -13.22 -23.98
N PRO B 60 -25.51 -11.96 -23.72
CA PRO B 60 -25.74 -10.98 -24.79
C PRO B 60 -24.48 -10.70 -25.61
N ALA B 61 -24.66 -10.21 -26.83
CA ALA B 61 -23.57 -10.02 -27.77
C ALA B 61 -22.66 -8.86 -27.39
N ARG B 62 -23.06 -8.08 -26.39
CA ARG B 62 -22.29 -6.92 -25.96
C ARG B 62 -20.97 -7.35 -25.32
N PHE B 63 -20.90 -8.60 -24.89
CA PHE B 63 -19.70 -9.14 -24.26
C PHE B 63 -18.72 -9.70 -25.28
N SER B 64 -17.43 -9.50 -25.01
CA SER B 64 -16.38 -10.05 -25.86
C SER B 64 -15.13 -10.26 -25.02
N GLY B 65 -14.20 -11.07 -25.55
CA GLY B 65 -12.94 -11.29 -24.87
C GLY B 65 -11.82 -11.65 -25.82
N SER B 66 -10.59 -11.35 -25.41
CA SER B 66 -9.43 -11.62 -26.25
C SER B 66 -8.17 -11.77 -25.41
N GLY B 67 -7.21 -12.54 -25.92
CA GLY B 67 -5.91 -12.64 -25.29
C GLY B 67 -5.19 -13.93 -25.60
N SER B 68 -3.93 -14.00 -25.19
CA SER B 68 -3.12 -15.21 -25.33
C SER B 68 -1.97 -15.17 -24.34
N GLY B 69 -1.37 -16.33 -24.07
CA GLY B 69 -0.22 -16.39 -23.20
C GLY B 69 -0.53 -15.98 -21.78
N THR B 70 0.17 -14.95 -21.30
CA THR B 70 -0.03 -14.46 -19.94
C THR B 70 -0.97 -13.26 -19.86
N SER B 71 -1.54 -12.84 -20.98
CA SER B 71 -2.39 -11.65 -20.99
C SER B 71 -3.74 -11.89 -21.67
N TYR B 72 -4.82 -11.63 -20.93
CA TYR B 72 -6.18 -11.80 -21.43
C TYR B 72 -7.06 -10.64 -20.97
N SER B 73 -8.17 -10.43 -21.67
CA SER B 73 -9.06 -9.31 -21.35
C SER B 73 -10.53 -9.62 -21.65
N LEU B 74 -11.41 -9.11 -20.79
CA LEU B 74 -12.84 -9.17 -21.03
C LEU B 74 -13.36 -7.77 -21.34
N THR B 75 -14.18 -7.66 -22.37
CA THR B 75 -14.71 -6.37 -22.79
C THR B 75 -16.21 -6.45 -23.01
N ILE B 76 -16.92 -5.50 -22.40
CA ILE B 76 -18.34 -5.33 -22.64
C ILE B 76 -18.49 -4.19 -23.64
N SER B 77 -19.26 -4.39 -24.72
CA SER B 77 -19.43 -3.29 -25.67
C SER B 77 -20.04 -2.08 -24.97
N SER B 78 -21.34 -2.10 -24.67
CA SER B 78 -21.91 -0.98 -23.93
C SER B 78 -22.71 -1.45 -22.72
N VAL B 79 -22.18 -1.06 -21.57
CA VAL B 79 -22.65 -1.51 -20.27
C VAL B 79 -24.10 -1.16 -20.01
N GLU B 80 -24.84 -2.14 -19.50
CA GLU B 80 -26.20 -1.94 -19.03
C GLU B 80 -26.24 -2.26 -17.55
N ALA B 81 -27.24 -1.74 -16.85
CA ALA B 81 -27.36 -1.91 -15.40
C ALA B 81 -27.38 -3.39 -14.99
N GLU B 82 -27.83 -4.24 -15.90
CA GLU B 82 -27.91 -5.68 -15.66
C GLU B 82 -26.51 -6.31 -15.56
N ASP B 83 -25.51 -5.60 -16.06
CA ASP B 83 -24.15 -6.12 -16.14
C ASP B 83 -23.35 -5.91 -14.85
N ALA B 84 -23.98 -5.35 -13.83
CA ALA B 84 -23.26 -5.07 -12.60
C ALA B 84 -23.08 -6.34 -11.78
N ALA B 85 -21.82 -6.73 -11.60
CA ALA B 85 -21.46 -7.96 -10.92
C ALA B 85 -19.96 -8.03 -10.71
N THR B 86 -19.48 -9.13 -10.15
CA THR B 86 -18.05 -9.39 -10.06
C THR B 86 -17.66 -10.46 -11.08
N TYR B 87 -16.59 -10.21 -11.82
CA TYR B 87 -16.16 -11.13 -12.86
C TYR B 87 -14.84 -11.82 -12.51
N TYR B 88 -14.83 -13.15 -12.56
CA TYR B 88 -13.64 -13.94 -12.28
C TYR B 88 -13.16 -14.65 -13.53
N CYS B 89 -11.86 -14.55 -13.84
CA CYS B 89 -11.32 -15.34 -14.93
C CYS B 89 -10.79 -16.66 -14.38
N GLN B 90 -10.41 -17.57 -15.27
CA GLN B 90 -10.05 -18.92 -14.86
C GLN B 90 -9.11 -19.62 -15.85
N GLN B 91 -8.23 -20.50 -15.37
CA GLN B 91 -7.40 -21.30 -16.27
C GLN B 91 -7.55 -22.79 -15.99
N PHE B 92 -7.87 -23.55 -17.03
CA PHE B 92 -7.91 -25.02 -16.95
C PHE B 92 -6.67 -25.69 -17.52
N SER B 93 -5.70 -24.91 -17.98
CA SER B 93 -4.54 -25.43 -18.69
C SER B 93 -3.78 -26.49 -17.89
N GLY B 94 -3.70 -26.29 -16.57
CA GLY B 94 -3.00 -27.23 -15.72
C GLY B 94 -3.47 -27.20 -14.28
N TYR B 95 -3.31 -28.31 -13.59
CA TYR B 95 -3.67 -28.37 -12.20
C TYR B 95 -2.52 -27.83 -11.41
N PRO B 96 -2.71 -27.23 -10.15
CA PRO B 96 -4.10 -27.10 -9.70
C PRO B 96 -4.80 -25.94 -10.39
N LEU B 97 -6.11 -26.03 -10.56
CA LEU B 97 -6.87 -24.99 -11.23
C LEU B 97 -6.89 -23.76 -10.37
N THR B 98 -7.03 -22.61 -11.00
CA THR B 98 -7.01 -21.33 -10.30
C THR B 98 -7.99 -20.31 -10.87
N PHE B 99 -8.43 -19.39 -10.02
CA PHE B 99 -9.31 -18.30 -10.42
C PHE B 99 -8.60 -16.96 -10.24
N GLY B 100 -9.04 -15.96 -10.97
CA GLY B 100 -8.50 -14.62 -10.82
C GLY B 100 -8.95 -14.00 -9.52
N SER B 101 -8.28 -12.92 -9.12
CA SER B 101 -8.64 -12.21 -7.88
C SER B 101 -10.06 -11.63 -7.99
N GLY B 102 -10.51 -11.42 -9.21
CA GLY B 102 -11.85 -10.93 -9.46
C GLY B 102 -11.91 -9.45 -9.74
N THR B 103 -12.86 -9.06 -10.59
CA THR B 103 -13.08 -7.66 -10.91
C THR B 103 -14.53 -7.29 -10.64
N LYS B 104 -14.74 -6.41 -9.67
CA LYS B 104 -16.09 -6.00 -9.29
C LYS B 104 -16.50 -4.74 -10.04
N LEU B 105 -17.58 -4.86 -10.81
CA LEU B 105 -18.09 -3.73 -11.57
C LEU B 105 -19.27 -3.09 -10.85
N GLU B 106 -19.20 -1.78 -10.68
CA GLU B 106 -20.26 -1.04 -10.01
C GLU B 106 -20.69 0.16 -10.85
N MET B 107 -21.98 0.48 -10.81
CA MET B 107 -22.53 1.55 -11.63
C MET B 107 -22.29 2.92 -11.01
N LYS B 108 -22.09 3.93 -11.85
CA LYS B 108 -21.89 5.29 -11.38
C LYS B 108 -23.16 6.12 -11.63
N ARG B 109 -23.40 7.07 -10.74
CA ARG B 109 -24.60 7.91 -10.82
C ARG B 109 -24.31 9.32 -10.34
N ALA B 110 -25.37 10.12 -10.22
CA ALA B 110 -25.25 11.46 -9.68
C ALA B 110 -24.95 11.40 -8.19
N ASP B 111 -24.05 12.26 -7.71
CA ASP B 111 -23.67 12.29 -6.32
C ASP B 111 -24.87 12.67 -5.45
N ALA B 112 -25.16 11.85 -4.44
CA ALA B 112 -26.31 12.07 -3.59
C ALA B 112 -25.91 12.27 -2.13
N ALA B 113 -26.47 13.29 -1.50
CA ALA B 113 -26.22 13.55 -0.09
C ALA B 113 -26.95 12.52 0.77
N PRO B 114 -26.30 12.06 1.84
CA PRO B 114 -26.88 11.04 2.72
C PRO B 114 -27.99 11.59 3.60
N THR B 115 -28.93 10.72 3.99
CA THR B 115 -29.94 11.09 4.97
C THR B 115 -29.56 10.50 6.32
N VAL B 116 -29.18 11.35 7.25
CA VAL B 116 -28.64 10.90 8.53
C VAL B 116 -29.68 10.93 9.63
N SER B 117 -29.78 9.83 10.37
CA SER B 117 -30.69 9.73 11.50
C SER B 117 -30.01 9.05 12.69
N ILE B 118 -30.25 9.57 13.89
CA ILE B 118 -29.59 9.05 15.07
C ILE B 118 -30.58 8.41 16.05
N PHE B 119 -30.25 7.21 16.52
CA PHE B 119 -31.13 6.45 17.39
C PHE B 119 -30.53 6.18 18.77
N PRO B 120 -31.20 6.68 19.82
CA PRO B 120 -30.80 6.41 21.21
C PRO B 120 -30.97 4.93 21.55
N PRO B 121 -30.20 4.43 22.53
CA PRO B 121 -30.33 3.04 22.96
C PRO B 121 -31.72 2.74 23.52
N SER B 122 -32.35 1.66 23.06
CA SER B 122 -33.63 1.24 23.59
C SER B 122 -33.46 0.79 25.03
N SER B 123 -34.40 1.19 25.89
CA SER B 123 -34.29 0.92 27.32
C SER B 123 -34.31 -0.57 27.65
N GLU B 124 -34.75 -1.38 26.69
CA GLU B 124 -34.71 -2.84 26.84
C GLU B 124 -33.27 -3.31 26.86
N GLN B 125 -32.40 -2.57 26.19
CA GLN B 125 -30.97 -2.87 26.15
C GLN B 125 -30.26 -2.41 27.42
N LEU B 126 -30.67 -1.26 27.95
CA LEU B 126 -30.04 -0.68 29.13
C LEU B 126 -30.21 -1.58 30.36
N THR B 127 -31.27 -2.38 30.36
CA THR B 127 -31.51 -3.33 31.43
C THR B 127 -30.47 -4.45 31.41
N SER B 128 -29.97 -4.75 30.22
CA SER B 128 -28.94 -5.78 30.07
C SER B 128 -27.59 -5.26 30.55
N GLY B 129 -27.48 -3.96 30.69
CA GLY B 129 -26.25 -3.34 31.17
C GLY B 129 -25.46 -2.63 30.09
N GLY B 130 -25.80 -2.89 28.83
CA GLY B 130 -25.15 -2.21 27.72
C GLY B 130 -25.95 -1.05 27.17
N ALA B 131 -25.26 -0.15 26.47
CA ALA B 131 -25.92 0.94 25.76
C ALA B 131 -25.21 1.19 24.43
N SER B 132 -25.98 1.18 23.34
CA SER B 132 -25.40 1.37 22.02
C SER B 132 -26.20 2.35 21.17
N VAL B 133 -25.54 3.42 20.74
CA VAL B 133 -26.17 4.42 19.89
C VAL B 133 -25.95 4.08 18.41
N VAL B 134 -27.01 4.18 17.62
CA VAL B 134 -26.95 3.82 16.21
C VAL B 134 -27.14 5.04 15.32
N CYS B 135 -26.33 5.13 14.27
CA CYS B 135 -26.45 6.22 13.30
C CYS B 135 -26.58 5.66 11.89
N PHE B 136 -27.74 5.90 11.28
CA PHE B 136 -28.00 5.42 9.92
C PHE B 136 -27.72 6.49 8.88
N LEU B 137 -27.04 6.10 7.81
CA LEU B 137 -26.77 6.98 6.69
C LEU B 137 -27.22 6.28 5.41
N ASN B 138 -28.26 6.80 4.77
CA ASN B 138 -28.88 6.09 3.68
C ASN B 138 -28.92 6.86 2.37
N ASN B 139 -28.87 6.13 1.26
CA ASN B 139 -29.04 6.68 -0.08
C ASN B 139 -28.04 7.79 -0.43
N PHE B 140 -26.78 7.41 -0.58
CA PHE B 140 -25.73 8.36 -0.93
C PHE B 140 -24.72 7.79 -1.92
N TYR B 141 -24.06 8.66 -2.66
CA TYR B 141 -23.00 8.25 -3.56
C TYR B 141 -21.94 9.30 -3.53
N PRO B 142 -20.67 8.97 -3.75
CA PRO B 142 -20.13 7.60 -3.90
C PRO B 142 -20.15 6.78 -2.61
N LYS B 143 -19.56 5.59 -2.68
CA LYS B 143 -19.66 4.61 -1.60
C LYS B 143 -19.00 5.06 -0.30
N ASP B 144 -17.84 5.70 -0.40
CA ASP B 144 -17.08 6.04 0.79
C ASP B 144 -17.64 7.27 1.47
N ILE B 145 -18.06 7.09 2.73
CA ILE B 145 -18.53 8.19 3.56
C ILE B 145 -17.90 8.01 4.94
N ASN B 146 -17.80 9.10 5.69
CA ASN B 146 -17.13 9.04 6.98
C ASN B 146 -17.96 9.59 8.13
N VAL B 147 -18.14 8.79 9.16
CA VAL B 147 -18.92 9.18 10.33
C VAL B 147 -17.97 9.53 11.47
N LYS B 148 -18.40 10.48 12.30
CA LYS B 148 -17.66 10.98 13.44
C LYS B 148 -18.55 10.93 14.67
N TRP B 149 -18.15 10.15 15.67
CA TRP B 149 -18.90 10.14 16.92
C TRP B 149 -18.29 11.13 17.91
N LYS B 150 -18.98 12.23 18.13
CA LYS B 150 -18.55 13.24 19.08
C LYS B 150 -19.57 13.32 20.18
N ILE B 151 -19.22 12.86 21.38
CA ILE B 151 -20.17 13.01 22.49
C ILE B 151 -19.68 14.20 23.32
N ASP B 152 -20.66 15.08 23.46
CA ASP B 152 -20.51 16.50 23.41
C ASP B 152 -19.76 17.00 24.65
N GLY B 153 -18.53 17.45 24.47
CA GLY B 153 -18.08 17.96 23.19
C GLY B 153 -16.70 17.46 22.98
N SER B 154 -16.62 16.14 22.95
CA SER B 154 -15.38 15.43 22.79
C SER B 154 -15.69 14.30 21.85
N GLU B 155 -14.70 13.86 21.09
CA GLU B 155 -14.93 12.77 20.16
C GLU B 155 -14.41 11.46 20.71
N ARG B 156 -15.23 10.41 20.56
CA ARG B 156 -14.85 9.06 20.95
C ARG B 156 -14.55 8.23 19.69
N GLN B 157 -13.55 7.36 19.77
CA GLN B 157 -13.15 6.54 18.62
C GLN B 157 -13.58 5.09 18.74
N ASN B 158 -13.00 4.39 19.71
CA ASN B 158 -13.22 2.96 19.87
C ASN B 158 -14.67 2.63 20.20
N GLY B 159 -15.08 1.40 19.92
CA GLY B 159 -16.42 0.95 20.21
C GLY B 159 -17.40 1.29 19.09
N VAL B 160 -16.87 1.57 17.91
CA VAL B 160 -17.70 1.94 16.77
C VAL B 160 -17.69 0.85 15.69
N LEU B 161 -18.86 0.35 15.35
CA LEU B 161 -18.98 -0.66 14.30
C LEU B 161 -19.67 -0.10 13.08
N ASN B 162 -18.90 0.08 12.00
CA ASN B 162 -19.45 0.59 10.76
C ASN B 162 -19.75 -0.52 9.77
N SER B 163 -20.90 -0.43 9.11
CA SER B 163 -21.27 -1.41 8.08
C SER B 163 -21.88 -0.72 6.87
N TRP B 164 -21.26 -0.94 5.71
CA TRP B 164 -21.80 -0.44 4.44
C TRP B 164 -22.77 -1.47 3.85
N THR B 165 -23.35 -1.14 2.70
CA THR B 165 -24.17 -2.09 1.97
C THR B 165 -23.66 -2.23 0.55
N ASP B 166 -23.93 -3.36 -0.08
CA ASP B 166 -23.52 -3.60 -1.46
C ASP B 166 -24.23 -2.59 -2.36
N GLN B 167 -23.68 -2.30 -3.53
CA GLN B 167 -24.34 -1.31 -4.38
C GLN B 167 -25.70 -1.83 -4.83
N ASP B 168 -26.66 -0.93 -4.78
CA ASP B 168 -28.08 -1.20 -4.92
C ASP B 168 -28.47 -1.47 -6.38
N SER B 169 -29.63 -2.11 -6.56
CA SER B 169 -30.11 -2.49 -7.88
C SER B 169 -30.97 -1.43 -8.57
N LYS B 170 -31.28 -0.33 -7.88
CA LYS B 170 -32.07 0.72 -8.50
C LYS B 170 -31.52 2.15 -8.30
N ASP B 171 -31.41 2.65 -7.06
CA ASP B 171 -30.86 4.01 -6.89
C ASP B 171 -29.40 4.10 -7.37
N SER B 172 -28.67 3.00 -7.19
CA SER B 172 -27.21 2.92 -7.41
C SER B 172 -26.45 3.79 -6.42
N THR B 173 -27.05 4.01 -5.25
CA THR B 173 -26.36 4.63 -4.13
C THR B 173 -26.02 3.57 -3.09
N TYR B 174 -25.50 4.01 -1.95
CA TYR B 174 -25.14 3.10 -0.87
C TYR B 174 -25.80 3.50 0.45
N SER B 175 -25.52 2.71 1.49
CA SER B 175 -26.00 3.01 2.83
C SER B 175 -25.00 2.51 3.87
N MET B 176 -24.84 3.26 4.97
CA MET B 176 -23.88 2.90 6.00
C MET B 176 -24.50 3.02 7.39
N SER B 177 -24.10 2.12 8.29
CA SER B 177 -24.64 2.11 9.65
C SER B 177 -23.51 2.16 10.68
N SER B 178 -23.48 3.23 11.47
CA SER B 178 -22.47 3.38 12.52
C SER B 178 -23.07 3.13 13.89
N THR B 179 -22.48 2.17 14.61
CA THR B 179 -22.97 1.81 15.94
C THR B 179 -21.91 2.03 17.01
N LEU B 180 -22.16 3.00 17.89
CA LEU B 180 -21.27 3.27 19.01
C LEU B 180 -21.75 2.51 20.25
N THR B 181 -20.95 1.55 20.70
CA THR B 181 -21.34 0.69 21.81
C THR B 181 -20.65 1.06 23.11
N LEU B 182 -21.45 1.34 24.13
CA LEU B 182 -20.95 1.63 25.47
C LEU B 182 -21.61 0.72 26.50
N THR B 183 -21.28 0.94 27.77
CA THR B 183 -21.97 0.24 28.86
C THR B 183 -23.07 1.14 29.38
N LYS B 184 -23.76 0.68 30.42
CA LYS B 184 -24.85 1.46 31.01
C LYS B 184 -24.33 2.72 31.69
N ASP B 185 -23.28 2.58 32.50
CA ASP B 185 -22.83 3.69 33.32
C ASP B 185 -22.22 4.82 32.47
N GLU B 186 -21.35 4.48 31.52
CA GLU B 186 -20.72 5.47 30.66
C GLU B 186 -21.76 6.27 29.86
N TYR B 187 -22.91 5.66 29.63
CA TYR B 187 -24.02 6.35 28.99
C TYR B 187 -24.63 7.37 29.94
N GLU B 188 -24.60 7.06 31.23
CA GLU B 188 -25.20 7.93 32.25
C GLU B 188 -24.30 9.10 32.66
N ARG B 189 -23.01 8.83 32.84
CA ARG B 189 -22.08 9.88 33.28
C ARG B 189 -22.04 11.05 32.29
N HIS B 190 -22.49 10.79 31.07
CA HIS B 190 -22.27 11.74 29.99
C HIS B 190 -23.52 12.42 29.46
N ASN B 191 -23.33 13.34 28.56
CA ASN B 191 -24.35 14.35 28.34
C ASN B 191 -25.31 14.17 27.18
N SER B 192 -24.76 13.98 25.99
CA SER B 192 -25.55 13.93 24.78
C SER B 192 -24.75 13.22 23.69
N TYR B 193 -25.39 12.94 22.58
CA TYR B 193 -24.73 12.17 21.55
C TYR B 193 -24.80 12.83 20.17
N THR B 194 -23.85 12.51 19.30
CA THR B 194 -23.86 13.15 17.99
C THR B 194 -23.00 12.39 16.99
N CYS B 195 -23.59 12.06 15.83
CA CYS B 195 -22.83 11.50 14.72
C CYS B 195 -23.14 12.25 13.44
N GLU B 196 -22.09 12.69 12.74
CA GLU B 196 -22.28 13.41 11.49
C GLU B 196 -21.31 12.96 10.41
N ALA B 197 -21.68 13.24 9.17
CA ALA B 197 -21.01 12.66 8.01
C ALA B 197 -20.25 13.68 7.17
N THR B 198 -18.98 13.39 6.92
CA THR B 198 -18.22 14.11 5.92
C THR B 198 -18.37 13.38 4.59
N HIS B 199 -18.95 14.07 3.62
CA HIS B 199 -19.17 13.50 2.29
C HIS B 199 -18.63 14.44 1.24
N LYS B 200 -18.45 13.93 0.02
CA LYS B 200 -18.01 14.74 -1.10
C LYS B 200 -19.07 15.77 -1.48
N THR B 201 -20.33 15.41 -1.26
CA THR B 201 -21.46 16.26 -1.62
C THR B 201 -21.38 17.64 -0.96
N SER B 202 -20.88 17.69 0.27
CA SER B 202 -20.72 18.95 0.97
C SER B 202 -19.46 18.96 1.84
N THR B 203 -18.71 20.05 1.77
CA THR B 203 -17.51 20.21 2.60
C THR B 203 -17.90 20.41 4.06
N SER B 204 -19.17 20.76 4.27
CA SER B 204 -19.73 20.89 5.61
C SER B 204 -20.49 19.63 5.98
N PRO B 205 -20.17 19.04 7.15
CA PRO B 205 -20.76 17.77 7.59
C PRO B 205 -22.25 17.87 7.93
N ILE B 206 -22.98 16.77 7.78
CA ILE B 206 -24.40 16.72 8.09
C ILE B 206 -24.64 16.20 9.51
N VAL B 207 -25.07 17.08 10.40
CA VAL B 207 -25.06 16.80 11.83
C VAL B 207 -26.42 16.34 12.39
N LYS B 208 -26.39 15.34 13.26
CA LYS B 208 -27.59 14.89 13.95
C LYS B 208 -27.30 14.67 15.44
N SER B 209 -28.17 15.25 16.28
CA SER B 209 -27.94 15.28 17.71
C SER B 209 -29.22 15.04 18.51
N PHE B 210 -29.09 14.42 19.68
CA PHE B 210 -30.19 14.32 20.62
C PHE B 210 -29.62 14.33 22.04
N ASN B 211 -30.30 14.97 22.97
CA ASN B 211 -29.87 14.94 24.37
C ASN B 211 -30.81 14.17 25.29
N ARG B 212 -30.22 13.51 26.29
CA ARG B 212 -30.95 12.59 27.17
C ARG B 212 -31.98 13.28 28.04
N ASN B 213 -31.80 14.58 28.27
CA ASN B 213 -32.69 15.31 29.16
C ASN B 213 -33.86 15.93 28.41
N GLU B 214 -33.94 15.69 27.11
CA GLU B 214 -35.02 16.24 26.31
C GLU B 214 -35.84 15.13 25.65
N GLU C 20 -33.60 -27.13 -16.15
CA GLU C 20 -33.49 -28.59 -16.25
C GLU C 20 -32.42 -29.12 -15.31
N VAL C 21 -31.18 -28.67 -15.51
CA VAL C 21 -30.06 -29.09 -14.68
C VAL C 21 -30.14 -28.43 -13.31
N GLN C 22 -30.09 -29.24 -12.26
CA GLN C 22 -30.19 -28.73 -10.90
C GLN C 22 -29.11 -29.32 -10.00
N LEU C 23 -28.43 -28.45 -9.26
CA LEU C 23 -27.42 -28.87 -8.29
C LEU C 23 -27.68 -28.23 -6.94
N VAL C 24 -27.92 -29.06 -5.93
CA VAL C 24 -28.10 -28.56 -4.57
C VAL C 24 -27.00 -29.11 -3.66
N GLU C 25 -26.62 -28.34 -2.65
CA GLU C 25 -25.59 -28.76 -1.72
C GLU C 25 -26.13 -28.90 -0.31
N SER C 26 -26.01 -30.09 0.25
CA SER C 26 -26.44 -30.34 1.62
C SER C 26 -25.23 -30.36 2.55
N GLY C 27 -25.49 -30.56 3.84
CA GLY C 27 -24.44 -30.57 4.84
C GLY C 27 -23.88 -29.17 5.07
N GLY C 28 -22.85 -29.07 5.90
CA GLY C 28 -22.24 -27.80 6.19
C GLY C 28 -22.82 -27.17 7.45
N GLY C 29 -22.01 -26.35 8.11
CA GLY C 29 -22.43 -25.70 9.34
C GLY C 29 -21.24 -25.29 10.18
N LEU C 30 -21.46 -25.14 11.49
CA LEU C 30 -20.40 -24.75 12.41
C LEU C 30 -19.62 -25.97 12.91
N VAL C 31 -18.31 -25.95 12.72
CA VAL C 31 -17.44 -27.04 13.15
C VAL C 31 -16.21 -26.50 13.87
N LYS C 32 -15.87 -27.10 15.01
CA LYS C 32 -14.71 -26.68 15.77
C LYS C 32 -13.43 -27.17 15.11
N PRO C 33 -12.32 -26.40 15.27
CA PRO C 33 -11.02 -26.73 14.67
C PRO C 33 -10.56 -28.15 14.98
N GLY C 34 -10.11 -28.86 13.95
CA GLY C 34 -9.69 -30.24 14.10
C GLY C 34 -10.83 -31.20 13.84
N GLY C 35 -12.03 -30.65 13.67
CA GLY C 35 -13.22 -31.44 13.45
C GLY C 35 -13.33 -31.97 12.03
N SER C 36 -14.36 -32.77 11.79
CA SER C 36 -14.59 -33.36 10.48
C SER C 36 -16.04 -33.16 10.04
N LEU C 37 -16.25 -33.07 8.73
CA LEU C 37 -17.59 -32.89 8.19
C LEU C 37 -17.68 -33.45 6.77
N LYS C 38 -18.88 -33.84 6.36
CA LYS C 38 -19.08 -34.38 5.02
C LYS C 38 -20.13 -33.59 4.25
N LEU C 39 -19.77 -33.14 3.05
CA LEU C 39 -20.69 -32.40 2.19
C LEU C 39 -21.24 -33.29 1.09
N SER C 40 -22.50 -33.06 0.71
CA SER C 40 -23.12 -33.83 -0.36
C SER C 40 -23.76 -32.93 -1.40
N CYS C 41 -23.75 -33.37 -2.66
CA CYS C 41 -24.31 -32.59 -3.75
C CYS C 41 -25.29 -33.43 -4.57
N ALA C 42 -26.55 -32.99 -4.60
CA ALA C 42 -27.58 -33.71 -5.35
C ALA C 42 -27.68 -33.19 -6.79
N ALA C 43 -27.60 -34.12 -7.75
CA ALA C 43 -27.61 -33.74 -9.16
C ALA C 43 -28.85 -34.29 -9.88
N SER C 44 -29.42 -33.46 -10.75
CA SER C 44 -30.56 -33.88 -11.56
C SER C 44 -30.61 -33.11 -12.88
N GLY C 45 -31.16 -33.74 -13.92
CA GLY C 45 -31.34 -33.08 -15.20
C GLY C 45 -30.33 -33.49 -16.26
N PHE C 46 -29.43 -34.40 -15.89
CA PHE C 46 -28.41 -34.88 -16.81
C PHE C 46 -27.92 -36.26 -16.37
N THR C 47 -27.22 -36.97 -17.24
CA THR C 47 -26.63 -38.23 -16.84
C THR C 47 -25.40 -37.90 -16.01
N PHE C 48 -25.42 -38.32 -14.76
CA PHE C 48 -24.42 -37.87 -13.79
C PHE C 48 -23.09 -38.60 -13.94
N SER C 49 -23.16 -39.84 -14.43
CA SER C 49 -21.96 -40.66 -14.57
C SER C 49 -21.12 -40.25 -15.76
N SER C 50 -21.65 -39.34 -16.58
CA SER C 50 -20.96 -38.92 -17.80
C SER C 50 -20.16 -37.62 -17.66
N TYR C 51 -20.21 -37.00 -16.48
CA TYR C 51 -19.55 -35.70 -16.31
C TYR C 51 -18.66 -35.64 -15.06
N ALA C 52 -17.52 -34.98 -15.20
CA ALA C 52 -16.62 -34.76 -14.08
C ALA C 52 -17.16 -33.68 -13.16
N MET C 53 -17.04 -33.90 -11.86
CA MET C 53 -17.52 -32.95 -10.87
C MET C 53 -16.37 -32.31 -10.10
N SER C 54 -16.57 -31.07 -9.66
CA SER C 54 -15.54 -30.36 -8.93
C SER C 54 -16.11 -29.53 -7.78
N TRP C 55 -15.42 -29.54 -6.65
CA TRP C 55 -15.78 -28.69 -5.52
C TRP C 55 -15.01 -27.38 -5.58
N VAL C 56 -15.73 -26.26 -5.56
CA VAL C 56 -15.11 -24.96 -5.52
C VAL C 56 -15.63 -24.17 -4.33
N ARG C 57 -14.73 -23.71 -3.47
CA ARG C 57 -15.16 -22.97 -2.30
C ARG C 57 -14.93 -21.48 -2.47
N GLN C 58 -15.90 -20.70 -2.01
CA GLN C 58 -15.73 -19.26 -1.97
C GLN C 58 -15.70 -18.73 -0.54
N SER C 59 -14.50 -18.30 -0.21
CA SER C 59 -14.12 -17.48 0.94
C SER C 59 -14.93 -16.19 1.12
N PRO C 60 -15.09 -15.69 2.38
CA PRO C 60 -15.87 -14.48 2.69
C PRO C 60 -15.30 -13.23 2.02
N GLU C 61 -14.02 -13.28 1.60
CA GLU C 61 -13.32 -12.19 0.90
C GLU C 61 -13.81 -12.03 -0.52
N LYS C 62 -14.74 -12.92 -0.91
CA LYS C 62 -15.30 -13.03 -2.27
C LYS C 62 -14.29 -13.47 -3.30
N ARG C 63 -13.49 -14.48 -2.95
CA ARG C 63 -12.43 -14.96 -3.83
C ARG C 63 -12.53 -16.47 -4.03
N LEU C 64 -12.76 -16.88 -5.28
CA LEU C 64 -12.98 -18.28 -5.61
C LEU C 64 -11.70 -19.12 -5.55
N GLU C 65 -11.82 -20.32 -5.01
CA GLU C 65 -10.70 -21.25 -4.94
C GLU C 65 -11.14 -22.68 -5.28
N TRP C 66 -10.49 -23.29 -6.26
CA TRP C 66 -10.79 -24.67 -6.61
C TRP C 66 -10.27 -25.62 -5.53
N VAL C 67 -11.05 -26.65 -5.22
CA VAL C 67 -10.69 -27.59 -4.16
C VAL C 67 -10.28 -28.95 -4.72
N ALA C 68 -11.24 -29.65 -5.32
CA ALA C 68 -11.00 -31.00 -5.83
C ALA C 68 -11.85 -31.31 -7.06
N GLU C 69 -11.27 -32.09 -7.97
CA GLU C 69 -12.01 -32.57 -9.13
C GLU C 69 -12.08 -34.10 -9.11
N ILE C 70 -13.22 -34.63 -9.53
CA ILE C 70 -13.37 -36.07 -9.66
C ILE C 70 -13.91 -36.38 -11.06
N SER C 71 -13.35 -37.40 -11.69
CA SER C 71 -13.72 -37.74 -13.06
C SER C 71 -15.11 -38.38 -13.12
N SER C 72 -15.54 -38.71 -14.32
CA SER C 72 -16.86 -39.30 -14.52
C SER C 72 -16.97 -40.67 -13.87
N GLY C 73 -15.92 -41.47 -14.01
CA GLY C 73 -15.90 -42.79 -13.42
C GLY C 73 -15.27 -42.80 -12.04
N GLY C 74 -14.80 -41.63 -11.61
CA GLY C 74 -14.21 -41.49 -10.29
C GLY C 74 -12.84 -42.12 -10.17
N ARG C 75 -12.23 -42.46 -11.30
CA ARG C 75 -10.92 -43.09 -11.30
C ARG C 75 -9.79 -42.06 -11.37
N TYR C 76 -10.14 -40.81 -11.60
CA TYR C 76 -9.15 -39.74 -11.66
C TYR C 76 -9.46 -38.64 -10.64
N ILE C 77 -8.55 -38.46 -9.69
CA ILE C 77 -8.75 -37.50 -8.62
C ILE C 77 -7.67 -36.43 -8.60
N TYR C 78 -8.09 -35.16 -8.57
CA TYR C 78 -7.15 -34.04 -8.49
C TYR C 78 -7.46 -33.15 -7.30
N TYR C 79 -6.44 -32.88 -6.49
CA TYR C 79 -6.61 -32.01 -5.34
C TYR C 79 -5.73 -30.76 -5.45
N SER C 80 -6.35 -29.58 -5.41
CA SER C 80 -5.61 -28.33 -5.21
C SER C 80 -5.34 -28.23 -3.74
N ASP C 81 -4.10 -28.04 -3.32
CA ASP C 81 -3.98 -28.21 -1.90
C ASP C 81 -3.32 -27.16 -1.05
N THR C 82 -4.23 -26.53 -0.31
CA THR C 82 -4.06 -26.21 1.09
C THR C 82 -4.63 -27.46 1.78
N VAL C 83 -5.27 -28.30 0.97
CA VAL C 83 -6.19 -29.36 1.39
C VAL C 83 -5.76 -30.88 1.43
N THR C 84 -4.56 -31.26 0.96
CA THR C 84 -4.20 -32.70 0.85
C THR C 84 -4.48 -33.55 2.07
N GLY C 85 -5.13 -34.69 1.86
CA GLY C 85 -5.22 -35.73 2.89
C GLY C 85 -6.20 -35.37 3.97
N ARG C 86 -6.55 -34.09 4.02
CA ARG C 86 -7.61 -33.61 4.91
C ARG C 86 -8.94 -33.86 4.25
N PHE C 87 -8.99 -33.66 2.93
CA PHE C 87 -10.21 -33.85 2.17
C PHE C 87 -10.18 -35.11 1.32
N THR C 88 -11.31 -35.78 1.24
CA THR C 88 -11.48 -36.91 0.32
C THR C 88 -12.74 -36.71 -0.50
N ILE C 89 -12.58 -36.53 -1.81
CA ILE C 89 -13.73 -36.33 -2.68
C ILE C 89 -14.25 -37.69 -3.16
N SER C 90 -15.57 -37.86 -3.12
CA SER C 90 -16.18 -39.14 -3.43
C SER C 90 -17.30 -38.99 -4.46
N ARG C 91 -17.66 -40.09 -5.10
CA ARG C 91 -18.71 -40.08 -6.12
C ARG C 91 -19.61 -41.30 -6.03
N ASP C 92 -20.91 -41.06 -5.99
CA ASP C 92 -21.88 -42.14 -6.13
C ASP C 92 -22.75 -41.87 -7.36
N ASN C 93 -22.55 -42.69 -8.38
CA ASN C 93 -23.24 -42.49 -9.66
C ASN C 93 -24.59 -43.18 -9.69
N ALA C 94 -24.85 -44.05 -8.72
CA ALA C 94 -26.14 -44.73 -8.61
C ALA C 94 -27.22 -43.76 -8.15
N ARG C 95 -26.96 -43.07 -7.05
CA ARG C 95 -27.93 -42.14 -6.49
C ARG C 95 -27.68 -40.70 -6.96
N ASN C 96 -26.69 -40.54 -7.83
CA ASN C 96 -26.32 -39.23 -8.38
C ASN C 96 -25.97 -38.21 -7.30
N ILE C 97 -25.06 -38.58 -6.41
CA ILE C 97 -24.65 -37.70 -5.32
C ILE C 97 -23.13 -37.51 -5.30
N LEU C 98 -22.70 -36.27 -5.12
CA LEU C 98 -21.28 -35.95 -5.01
C LEU C 98 -20.90 -35.67 -3.57
N HIS C 99 -19.93 -36.42 -3.05
CA HIS C 99 -19.53 -36.29 -1.66
C HIS C 99 -18.17 -35.61 -1.50
N LEU C 100 -18.04 -34.79 -0.45
CA LEU C 100 -16.74 -34.27 -0.05
C LEU C 100 -16.52 -34.50 1.43
N GLU C 101 -15.56 -35.36 1.76
CA GLU C 101 -15.25 -35.70 3.14
C GLU C 101 -14.14 -34.82 3.67
N MET C 102 -14.37 -34.19 4.82
CA MET C 102 -13.39 -33.28 5.39
C MET C 102 -12.87 -33.78 6.74
N SER C 103 -11.65 -33.37 7.07
CA SER C 103 -11.05 -33.68 8.35
C SER C 103 -9.98 -32.66 8.69
N SER C 104 -9.66 -32.54 9.98
CA SER C 104 -8.67 -31.57 10.47
C SER C 104 -8.96 -30.16 9.96
N LEU C 105 -10.22 -29.75 10.03
CA LEU C 105 -10.64 -28.44 9.57
C LEU C 105 -10.15 -27.32 10.50
N ARG C 106 -9.74 -26.20 9.91
CA ARG C 106 -9.43 -25.01 10.70
C ARG C 106 -9.98 -23.74 10.03
N SER C 107 -9.72 -22.60 10.64
CA SER C 107 -10.35 -21.33 10.28
C SER C 107 -10.25 -20.94 8.80
N GLU C 108 -9.15 -21.28 8.16
CA GLU C 108 -8.95 -20.90 6.76
C GLU C 108 -9.79 -21.75 5.80
N ASP C 109 -10.43 -22.78 6.34
CA ASP C 109 -11.32 -23.62 5.54
C ASP C 109 -12.73 -23.06 5.53
N THR C 110 -12.95 -21.98 6.27
CA THR C 110 -14.28 -21.37 6.32
C THR C 110 -14.62 -20.69 5.00
N ALA C 111 -15.70 -21.14 4.39
CA ALA C 111 -16.13 -20.62 3.10
C ALA C 111 -17.51 -21.15 2.72
N MET C 112 -17.98 -20.74 1.54
CA MET C 112 -19.17 -21.34 0.94
C MET C 112 -18.72 -22.32 -0.14
N TYR C 113 -19.06 -23.60 0.04
CA TYR C 113 -18.60 -24.63 -0.88
C TYR C 113 -19.61 -24.90 -1.99
N TYR C 114 -19.19 -24.63 -3.22
CA TYR C 114 -20.04 -24.82 -4.38
C TYR C 114 -19.81 -26.17 -5.05
N CYS C 115 -20.88 -26.76 -5.53
CA CYS C 115 -20.80 -27.98 -6.33
C CYS C 115 -20.94 -27.59 -7.81
N ALA C 116 -19.84 -27.68 -8.54
CA ALA C 116 -19.80 -27.22 -9.93
C ALA C 116 -19.40 -28.34 -10.86
N ARG C 117 -20.00 -28.35 -12.04
CA ARG C 117 -19.72 -29.40 -13.01
C ARG C 117 -19.05 -28.88 -14.27
N GLY C 118 -18.14 -29.69 -14.80
CA GLY C 118 -17.90 -29.72 -16.23
C GLY C 118 -17.02 -30.90 -16.55
N GLU C 119 -17.27 -31.51 -17.71
CA GLU C 119 -16.44 -32.59 -18.21
C GLU C 119 -15.28 -32.04 -19.02
N VAL C 120 -15.58 -31.04 -19.84
CA VAL C 120 -14.63 -30.49 -20.80
C VAL C 120 -13.83 -29.35 -20.20
N ARG C 121 -12.51 -29.53 -20.16
CA ARG C 121 -11.61 -28.51 -19.63
C ARG C 121 -11.63 -27.26 -20.48
N GLN C 122 -11.94 -27.43 -21.76
CA GLN C 122 -11.94 -26.31 -22.69
C GLN C 122 -13.18 -25.44 -22.55
N ARG C 123 -14.25 -25.99 -22.00
CA ARG C 123 -15.46 -25.20 -21.76
C ARG C 123 -15.66 -24.71 -20.32
N GLY C 124 -14.78 -25.11 -19.40
CA GLY C 124 -14.90 -24.71 -17.99
C GLY C 124 -16.11 -25.28 -17.26
N PHE C 125 -16.53 -24.60 -16.19
CA PHE C 125 -17.69 -25.04 -15.41
C PHE C 125 -18.97 -24.39 -15.92
N ASP C 126 -19.85 -25.17 -16.53
CA ASP C 126 -21.05 -24.62 -17.14
C ASP C 126 -22.26 -24.55 -16.21
N TYR C 127 -22.20 -25.25 -15.08
CA TYR C 127 -23.32 -25.24 -14.13
C TYR C 127 -22.86 -25.27 -12.68
N TRP C 128 -23.45 -24.39 -11.88
CA TRP C 128 -23.10 -24.27 -10.46
C TRP C 128 -24.33 -24.50 -9.57
N GLY C 129 -24.09 -24.95 -8.35
CA GLY C 129 -25.17 -25.15 -7.39
C GLY C 129 -25.41 -23.92 -6.56
N GLN C 130 -26.38 -24.00 -5.65
CA GLN C 130 -26.71 -22.88 -4.77
C GLN C 130 -25.60 -22.64 -3.76
N GLY C 131 -24.96 -23.73 -3.33
CA GLY C 131 -23.85 -23.65 -2.40
C GLY C 131 -24.26 -23.88 -0.96
N THR C 132 -23.35 -24.46 -0.18
CA THR C 132 -23.57 -24.66 1.25
C THR C 132 -22.47 -23.98 2.05
N THR C 133 -22.83 -23.42 3.20
CA THR C 133 -21.91 -22.63 3.99
C THR C 133 -21.25 -23.44 5.11
N LEU C 134 -19.93 -23.40 5.16
CA LEU C 134 -19.17 -24.04 6.23
C LEU C 134 -18.42 -23.02 7.06
N THR C 135 -18.68 -22.99 8.36
CA THR C 135 -18.00 -22.09 9.27
C THR C 135 -17.14 -22.87 10.27
N VAL C 136 -15.85 -22.61 10.28
CA VAL C 136 -14.96 -23.27 11.22
C VAL C 136 -14.40 -22.29 12.23
N SER C 137 -14.84 -22.41 13.47
CA SER C 137 -14.40 -21.51 14.53
C SER C 137 -14.49 -22.19 15.89
N SER C 138 -13.67 -21.71 16.83
CA SER C 138 -13.69 -22.23 18.20
C SER C 138 -14.78 -21.53 19.00
N ALA C 139 -15.39 -20.51 18.40
CA ALA C 139 -16.46 -19.76 19.05
C ALA C 139 -17.69 -20.63 19.25
N LYS C 140 -18.48 -20.30 20.26
CA LYS C 140 -19.67 -21.07 20.60
C LYS C 140 -20.96 -20.31 20.26
N THR C 141 -21.99 -21.06 19.87
CA THR C 141 -23.25 -20.48 19.42
C THR C 141 -23.95 -19.67 20.50
N THR C 142 -24.32 -18.43 20.17
CA THR C 142 -25.05 -17.57 21.09
C THR C 142 -26.32 -17.01 20.46
N ALA C 143 -27.27 -16.63 21.29
CA ALA C 143 -28.54 -16.10 20.82
C ALA C 143 -28.51 -14.59 20.65
N PRO C 144 -29.06 -14.08 19.55
CA PRO C 144 -29.11 -12.64 19.28
C PRO C 144 -30.07 -11.90 20.20
N SER C 145 -29.63 -10.76 20.72
CA SER C 145 -30.53 -9.88 21.46
C SER C 145 -30.90 -8.70 20.56
N VAL C 146 -32.15 -8.67 20.12
CA VAL C 146 -32.60 -7.66 19.18
C VAL C 146 -33.26 -6.49 19.89
N TYR C 147 -33.03 -5.28 19.38
CA TYR C 147 -33.54 -4.07 20.02
C TYR C 147 -34.21 -3.13 19.01
N PRO C 148 -35.30 -2.48 19.42
CA PRO C 148 -35.94 -1.42 18.64
C PRO C 148 -35.13 -0.13 18.71
N LEU C 149 -35.37 0.81 17.79
CA LEU C 149 -34.71 2.11 17.85
C LEU C 149 -35.73 3.25 17.76
N ALA C 150 -35.92 3.97 18.85
CA ALA C 150 -36.95 5.00 18.93
C ALA C 150 -36.50 6.38 18.47
N PRO C 151 -37.27 6.95 17.45
CA PRO C 151 -36.79 8.28 17.02
C PRO C 151 -37.04 9.37 18.06
N VAL C 152 -36.49 10.56 17.83
CA VAL C 152 -36.46 11.64 18.82
C VAL C 152 -37.41 12.85 18.65
N CYS C 153 -38.04 13.20 19.77
CA CYS C 153 -39.15 14.12 19.87
C CYS C 153 -38.90 15.40 19.08
N GLY C 158 -42.08 15.92 10.73
CA GLY C 158 -41.27 15.69 9.55
C GLY C 158 -42.06 15.06 8.41
N SER C 159 -41.54 15.17 7.20
CA SER C 159 -42.20 14.61 6.02
C SER C 159 -42.20 13.09 6.05
N SER C 160 -41.12 12.51 6.58
CA SER C 160 -40.98 11.06 6.68
C SER C 160 -40.09 10.69 7.86
N VAL C 161 -40.22 9.46 8.33
CA VAL C 161 -39.47 9.02 9.51
C VAL C 161 -38.72 7.71 9.26
N THR C 162 -37.48 7.66 9.76
CA THR C 162 -36.67 6.46 9.65
C THR C 162 -36.67 5.67 10.97
N LEU C 163 -36.88 4.37 10.86
CA LEU C 163 -36.95 3.48 12.00
C LEU C 163 -36.07 2.27 11.74
N GLY C 164 -35.50 1.71 12.80
CA GLY C 164 -34.58 0.60 12.64
C GLY C 164 -34.58 -0.43 13.75
N CYS C 165 -33.92 -1.57 13.49
CA CYS C 165 -33.89 -2.68 14.42
C CYS C 165 -32.46 -3.19 14.61
N LEU C 166 -31.97 -3.18 15.84
CA LEU C 166 -30.59 -3.56 16.13
C LEU C 166 -30.47 -5.00 16.62
N VAL C 167 -29.67 -5.80 15.92
CA VAL C 167 -29.41 -7.18 16.31
C VAL C 167 -27.94 -7.33 16.70
N LYS C 168 -27.68 -7.59 17.98
CA LYS C 168 -26.32 -7.57 18.51
C LYS C 168 -25.94 -8.86 19.25
N GLY C 169 -24.67 -9.24 19.14
CA GLY C 169 -24.11 -10.33 19.93
C GLY C 169 -24.62 -11.72 19.63
N TYR C 170 -24.49 -12.15 18.37
CA TYR C 170 -24.88 -13.50 17.99
C TYR C 170 -23.80 -14.20 17.18
N PHE C 171 -23.90 -15.51 17.06
CA PHE C 171 -23.02 -16.28 16.20
C PHE C 171 -23.73 -17.59 16.02
N PRO C 172 -23.52 -18.39 14.88
CA PRO C 172 -22.86 -17.74 13.75
C PRO C 172 -23.89 -17.32 12.74
N GLU C 173 -23.45 -16.74 11.65
CA GLU C 173 -24.37 -16.31 10.62
C GLU C 173 -24.98 -17.60 10.11
N PRO C 174 -26.28 -17.60 9.56
CA PRO C 174 -26.85 -16.29 9.25
C PRO C 174 -28.13 -16.03 10.01
N VAL C 175 -28.60 -14.79 10.00
CA VAL C 175 -29.88 -14.45 10.58
C VAL C 175 -30.78 -13.86 9.53
N THR C 176 -32.08 -13.93 9.78
CA THR C 176 -33.02 -13.34 8.86
C THR C 176 -33.83 -12.25 9.54
N LEU C 177 -33.84 -11.09 8.92
CA LEU C 177 -34.51 -9.89 9.40
C LEU C 177 -35.51 -9.39 8.37
N THR C 178 -36.78 -9.30 8.79
CA THR C 178 -37.84 -8.78 7.94
C THR C 178 -38.68 -7.79 8.74
N TRP C 179 -39.48 -6.99 8.05
CA TRP C 179 -40.33 -5.99 8.70
C TRP C 179 -41.80 -6.28 8.47
N ASN C 180 -42.57 -6.22 9.55
CA ASN C 180 -43.99 -6.60 9.54
C ASN C 180 -44.21 -7.93 8.84
N SER C 181 -43.62 -8.98 9.40
CA SER C 181 -43.72 -10.34 8.86
C SER C 181 -43.32 -10.44 7.39
N GLY C 182 -42.40 -9.58 6.98
CA GLY C 182 -41.90 -9.60 5.61
C GLY C 182 -42.92 -9.12 4.59
N SER C 183 -43.61 -8.04 4.90
CA SER C 183 -44.59 -7.47 3.99
C SER C 183 -43.97 -6.32 3.19
N LEU C 184 -43.61 -5.25 3.88
CA LEU C 184 -43.04 -4.08 3.24
C LEU C 184 -41.60 -4.34 2.79
N SER C 185 -41.35 -4.11 1.51
CA SER C 185 -40.02 -4.30 0.92
C SER C 185 -39.30 -2.97 0.80
N SER C 186 -39.91 -2.05 0.06
CA SER C 186 -39.32 -0.76 -0.27
C SER C 186 -38.87 0.04 0.95
N GLY C 187 -37.78 0.79 0.79
CA GLY C 187 -37.27 1.66 1.83
C GLY C 187 -36.51 0.93 2.92
N VAL C 188 -36.28 -0.37 2.72
CA VAL C 188 -35.59 -1.17 3.72
C VAL C 188 -34.14 -1.44 3.34
N HIS C 189 -33.22 -0.99 4.19
CA HIS C 189 -31.81 -1.27 4.01
C HIS C 189 -31.29 -2.17 5.12
N THR C 190 -30.98 -3.42 4.76
CA THR C 190 -30.45 -4.37 5.74
C THR C 190 -28.93 -4.46 5.64
N PHE C 191 -28.26 -3.99 6.68
CA PHE C 191 -26.81 -3.96 6.70
C PHE C 191 -26.23 -5.32 7.09
N PRO C 192 -25.21 -5.77 6.36
CA PRO C 192 -24.55 -7.05 6.62
C PRO C 192 -23.91 -7.11 8.01
N ALA C 193 -23.75 -8.32 8.53
CA ALA C 193 -23.22 -8.51 9.88
C ALA C 193 -21.71 -8.33 9.93
N VAL C 194 -21.23 -7.76 11.04
CA VAL C 194 -19.80 -7.56 11.24
C VAL C 194 -19.34 -8.27 12.51
N LEU C 195 -18.35 -9.14 12.36
CA LEU C 195 -17.85 -9.93 13.49
C LEU C 195 -16.95 -9.11 14.41
N GLN C 196 -17.31 -9.09 15.69
CA GLN C 196 -16.48 -8.43 16.70
C GLN C 196 -16.40 -9.29 17.97
N SER C 197 -15.17 -9.65 18.34
CA SER C 197 -14.90 -10.49 19.51
C SER C 197 -15.76 -11.77 19.50
N ASP C 198 -15.72 -12.48 18.39
CA ASP C 198 -16.49 -13.72 18.19
C ASP C 198 -17.99 -13.50 18.35
N LEU C 199 -18.45 -12.29 18.03
CA LEU C 199 -19.87 -11.95 18.09
C LEU C 199 -20.28 -11.08 16.92
N TYR C 200 -21.44 -11.35 16.34
CA TYR C 200 -21.94 -10.58 15.21
C TYR C 200 -22.93 -9.50 15.63
N THR C 201 -22.84 -8.35 14.99
CA THR C 201 -23.78 -7.25 15.21
C THR C 201 -24.40 -6.84 13.88
N LEU C 202 -25.74 -6.78 13.84
CA LEU C 202 -26.45 -6.48 12.61
C LEU C 202 -27.56 -5.45 12.85
N SER C 203 -27.84 -4.65 11.83
CA SER C 203 -28.88 -3.64 11.93
C SER C 203 -29.60 -3.47 10.59
N SER C 204 -30.83 -2.97 10.65
CA SER C 204 -31.63 -2.74 9.45
C SER C 204 -32.44 -1.47 9.58
N SER C 205 -32.52 -0.70 8.50
CA SER C 205 -33.26 0.56 8.51
C SER C 205 -34.45 0.50 7.55
N VAL C 206 -35.58 1.05 7.99
CA VAL C 206 -36.75 1.16 7.13
C VAL C 206 -37.33 2.57 7.20
N THR C 207 -37.44 3.22 6.04
CA THR C 207 -37.97 4.57 5.96
C THR C 207 -39.42 4.55 5.50
N VAL C 208 -40.28 5.30 6.19
CA VAL C 208 -41.68 5.39 5.86
C VAL C 208 -42.25 6.75 6.24
N THR C 209 -43.35 7.14 5.60
CA THR C 209 -43.98 8.42 5.87
C THR C 209 -44.54 8.48 7.29
N SER C 210 -44.60 9.68 7.84
CA SER C 210 -45.10 9.88 9.21
C SER C 210 -46.61 9.69 9.29
N SER C 211 -47.25 9.53 8.13
CA SER C 211 -48.68 9.23 8.09
C SER C 211 -48.94 7.82 8.61
N THR C 212 -48.06 6.89 8.28
CA THR C 212 -48.15 5.56 8.86
C THR C 212 -47.86 5.49 10.36
N TRP C 213 -46.88 6.26 10.79
CA TRP C 213 -46.34 6.16 12.14
C TRP C 213 -46.42 7.49 12.89
N PRO C 214 -46.88 7.38 14.12
CA PRO C 214 -47.28 6.04 14.57
C PRO C 214 -48.74 5.76 14.27
N SER C 215 -49.11 5.87 13.01
CA SER C 215 -50.50 5.68 12.63
C SER C 215 -50.86 4.25 12.94
N GLN C 216 -49.86 3.40 12.82
CA GLN C 216 -50.01 1.95 12.68
C GLN C 216 -48.91 1.28 13.52
N SER C 217 -48.93 -0.05 13.59
CA SER C 217 -47.95 -0.78 14.39
C SER C 217 -46.87 -1.42 13.52
N ILE C 218 -45.63 -1.01 13.75
CA ILE C 218 -44.48 -1.57 13.02
C ILE C 218 -43.83 -2.67 13.87
N THR C 219 -43.35 -3.72 13.22
CA THR C 219 -42.73 -4.83 13.92
C THR C 219 -41.46 -5.34 13.24
N CYS C 220 -40.40 -5.49 14.02
CA CYS C 220 -39.13 -6.03 13.54
C CYS C 220 -39.07 -7.54 13.78
N ASN C 221 -38.79 -8.29 12.72
CA ASN C 221 -38.79 -9.76 12.80
C ASN C 221 -37.41 -10.36 12.55
N VAL C 222 -36.83 -10.96 13.58
CA VAL C 222 -35.48 -11.50 13.49
C VAL C 222 -35.46 -13.01 13.79
N ALA C 223 -34.71 -13.76 12.97
CA ALA C 223 -34.61 -15.21 13.14
C ALA C 223 -33.18 -15.72 13.01
N HIS C 224 -32.68 -16.36 14.06
CA HIS C 224 -31.35 -16.97 14.04
C HIS C 224 -31.44 -18.47 14.32
N PRO C 225 -31.70 -19.26 13.26
CA PRO C 225 -32.01 -20.70 13.32
C PRO C 225 -31.04 -21.52 14.16
N ALA C 226 -29.75 -21.19 14.11
CA ALA C 226 -28.75 -21.93 14.86
C ALA C 226 -29.02 -21.90 16.36
N SER C 227 -29.41 -20.73 16.87
CA SER C 227 -29.62 -20.52 18.30
C SER C 227 -31.10 -20.66 18.69
N SER C 228 -31.93 -21.02 17.73
CA SER C 228 -33.37 -21.26 17.93
C SER C 228 -34.12 -20.04 18.48
N THR C 229 -33.61 -18.84 18.19
CA THR C 229 -34.17 -17.63 18.77
C THR C 229 -34.92 -16.80 17.72
N LYS C 230 -36.25 -16.79 17.82
CA LYS C 230 -37.08 -16.08 16.86
C LYS C 230 -37.83 -14.98 17.61
N VAL C 231 -37.49 -13.73 17.33
CA VAL C 231 -37.99 -12.62 18.14
C VAL C 231 -38.76 -11.60 17.31
N ASP C 232 -39.82 -11.04 17.92
CA ASP C 232 -40.61 -9.98 17.29
C ASP C 232 -40.68 -8.78 18.23
N LYS C 233 -40.33 -7.60 17.73
CA LYS C 233 -40.28 -6.40 18.56
C LYS C 233 -41.28 -5.32 18.14
N LYS C 234 -42.05 -4.83 19.12
CA LYS C 234 -42.97 -3.72 18.89
C LYS C 234 -42.26 -2.39 19.08
N ILE C 235 -42.63 -1.38 18.29
CA ILE C 235 -41.99 -0.07 18.39
C ILE C 235 -42.84 0.92 19.19
N GLU C 236 -42.27 1.38 20.30
CA GLU C 236 -42.91 2.40 21.14
C GLU C 236 -42.15 3.72 21.07
N PRO C 237 -42.83 4.80 20.66
CA PRO C 237 -42.24 6.14 20.60
C PRO C 237 -41.72 6.63 21.95
N ARG C 238 -42.17 6.00 23.03
CA ARG C 238 -41.72 6.35 24.38
C ARG C 238 -40.23 6.07 24.55
C2 BGC D . -5.48 15.32 18.69
C3 BGC D . -5.89 14.19 17.76
C4 BGC D . -5.25 12.88 18.21
C5 BGC D . -3.74 13.00 18.43
C6 BGC D . -2.95 12.88 17.13
C1 BGC D . -3.97 15.42 18.75
O1 BGC D . -3.45 15.85 17.48
O2 BGC D . -6.00 15.07 20.00
O3 BGC D . -5.52 14.51 16.42
O4 BGC D . -5.86 12.46 19.43
O5 BGC D . -3.39 14.18 19.16
O6 BGC D . -3.24 11.63 16.51
C1 GLC D . -5.51 11.14 19.80
C2 GLC D . -6.71 10.44 20.44
C3 GLC D . -6.35 9.00 20.80
C4 GLC D . -5.03 8.92 21.58
C5 GLC D . -3.93 9.81 20.99
C6 GLC D . -3.34 9.24 19.71
O2 GLC D . -7.09 11.16 21.62
O3 GLC D . -6.29 8.20 19.62
O4 GLC D . -5.27 9.32 22.94
O5 GLC D . -4.43 11.13 20.75
O6 GLC D . -2.92 7.89 19.95
NA NA E . 21.68 4.06 1.43
C1 COC F . 15.16 10.63 -2.89
O5 COC F . 16.56 10.38 -3.14
C6 COC F . 17.22 9.72 -2.03
O7 COC F . 16.54 9.20 -1.16
C8 COC F . 18.71 9.70 -1.94
C10 COC F . 19.17 8.33 -1.66
N12 COC F . 18.90 7.93 -0.44
C14 COC F . 19.09 6.47 -0.36
C18 COC F . 20.73 8.34 -1.65
C21 COC F . 21.06 8.47 -0.23
C24 COC F . 19.67 8.52 0.45
C26 COC F . 19.31 9.97 0.68
C29 COC F . 19.14 10.77 -0.72
O1 COC F . 18.22 11.61 -0.58
C2 COC F . 18.40 12.89 -1.32
O3 COC F . 19.20 12.95 -2.23
C4 COC F . 17.59 14.09 -0.93
C5 COC F . 17.64 15.24 -1.69
C7 COC F . 16.89 16.32 -1.32
C9 COC F . 16.10 16.26 -0.18
C11 COC F . 16.05 15.12 0.57
C13 COC F . 16.80 14.03 0.20
C1 CLR G . 34.73 5.96 14.40
C2 CLR G . 35.71 7.11 14.21
C3 CLR G . 35.84 7.42 12.73
C4 CLR G . 34.50 7.95 12.23
C5 CLR G . 33.38 6.99 12.58
C6 CLR G . 32.42 6.81 11.68
C7 CLR G . 31.59 5.54 11.64
C8 CLR G . 31.26 5.12 13.05
C9 CLR G . 32.52 5.02 13.89
C10 CLR G . 33.33 6.32 13.94
C11 CLR G . 32.20 4.50 15.30
C12 CLR G . 31.43 3.18 15.29
C13 CLR G . 30.17 3.31 14.43
C14 CLR G . 30.60 3.75 13.05
C15 CLR G . 29.37 3.55 12.18
C16 CLR G . 28.74 2.29 12.77
C17 CLR G . 29.39 2.04 14.13
C18 CLR G . 29.23 4.35 15.05
C19 CLR G . 32.70 7.29 14.92
C20 CLR G . 28.36 1.59 15.17
C21 CLR G . 28.99 1.02 16.43
C22 CLR G . 27.42 0.58 14.55
C23 CLR G . 26.62 -0.22 15.57
C24 CLR G . 26.12 -1.51 14.95
C25 CLR G . 25.31 -2.34 15.94
C26 CLR G . 25.03 -3.73 15.40
C27 CLR G . 24.00 -1.63 16.29
O1 CLR G . 36.86 8.42 12.53
C1 CLR H . 38.89 -2.87 -2.94
C2 CLR H . 39.91 -2.36 -3.93
C3 CLR H . 40.39 -3.50 -4.82
C4 CLR H . 39.22 -4.04 -5.63
C5 CLR H . 38.04 -4.35 -4.74
C6 CLR H . 37.34 -5.48 -4.99
C7 CLR H . 36.41 -6.10 -4.00
C8 CLR H . 35.71 -5.00 -3.20
C9 CLR H . 36.76 -4.08 -2.58
C10 CLR H . 37.64 -3.40 -3.64
C11 CLR H . 36.13 -3.05 -1.65
C12 CLR H . 35.21 -3.67 -0.59
C13 CLR H . 34.15 -4.53 -1.28
C14 CLR H . 34.87 -5.59 -2.08
C15 CLR H . 33.79 -6.59 -2.45
C16 CLR H . 32.85 -6.57 -1.24
C17 CLR H . 33.25 -5.37 -0.38
C18 CLR H . 33.28 -3.68 -2.20
C19 CLR H . 36.88 -2.24 -4.27
C20 CLR H . 32.02 -4.66 0.21
C21 CLR H . 32.36 -3.68 1.32
C22 CLR H . 31.04 -5.71 0.75
C23 CLR H . 29.89 -5.05 1.51
C24 CLR H . 29.52 -5.87 2.75
C25 CLR H . 28.12 -6.45 2.64
C26 CLR H . 27.64 -6.99 3.98
C27 CLR H . 28.04 -7.54 1.57
O1 CLR H . 41.41 -3.03 -5.70
NA NA I . 19.32 9.19 6.15
CL CL J . 21.44 -0.81 0.79
#